data_9VFG
#
_entry.id   9VFG
#
loop_
_entity.id
_entity.type
_entity.pdbx_description
1 polymer 'UV excision repair protein RAD23 homolog B'
2 non-polymer 'SILVER ION'
#
_entity_poly.entity_id   1
_entity_poly.type   'polypeptide(L)'
_entity_poly.pdbx_seq_one_letter_code
;SGGHPLEFLRNQPQFQQMRQIIQQNPSLLPALLQQIGRENPQLLQQISQHQEHFIQMLNEPVQEAGGQGGGG
;
_entity_poly.pdbx_strand_id   A
#
# COMPACT_ATOMS: atom_id res chain seq x y z
N SER A 1 -12.48 -4.91 0.97
CA SER A 1 -13.51 -4.58 -0.05
C SER A 1 -13.97 -3.12 0.09
N GLY A 2 -13.35 -2.40 1.02
CA GLY A 2 -13.65 -1.00 1.20
C GLY A 2 -12.98 -0.16 0.15
N GLY A 3 -13.75 0.33 -0.81
CA GLY A 3 -13.19 1.10 -1.89
C GLY A 3 -12.72 2.46 -1.47
N HIS A 4 -13.61 3.24 -0.89
CA HIS A 4 -13.27 4.56 -0.40
C HIS A 4 -12.55 4.47 0.95
N PRO A 5 -13.07 3.68 1.93
CA PRO A 5 -12.40 3.50 3.22
C PRO A 5 -11.15 2.63 3.11
N LEU A 6 -10.07 3.22 2.62
CA LEU A 6 -8.77 2.55 2.47
C LEU A 6 -8.28 1.98 3.80
N GLU A 7 -8.75 2.56 4.90
CA GLU A 7 -8.37 2.11 6.24
C GLU A 7 -8.66 0.60 6.42
N PHE A 8 -9.67 0.10 5.72
CA PHE A 8 -10.02 -1.32 5.80
C PHE A 8 -8.98 -2.17 5.06
N LEU A 9 -8.38 -1.56 4.05
CA LEU A 9 -7.36 -2.23 3.24
C LEU A 9 -6.04 -2.18 4.00
N ARG A 10 -5.88 -1.10 4.74
CA ARG A 10 -4.71 -0.84 5.57
C ARG A 10 -4.40 -2.01 6.50
N ASN A 11 -5.45 -2.64 6.95
CA ASN A 11 -5.34 -3.73 7.91
C ASN A 11 -4.95 -5.04 7.25
N GLN A 12 -4.85 -5.04 5.94
CA GLN A 12 -4.45 -6.23 5.21
C GLN A 12 -2.94 -6.32 5.11
N PRO A 13 -2.37 -7.52 5.30
CA PRO A 13 -0.92 -7.73 5.25
C PRO A 13 -0.31 -7.28 3.92
N GLN A 14 -1.09 -7.39 2.86
CA GLN A 14 -0.67 -6.96 1.52
C GLN A 14 -0.38 -5.46 1.51
N PHE A 15 -1.15 -4.71 2.27
CA PHE A 15 -0.97 -3.28 2.36
C PHE A 15 0.19 -2.95 3.30
N GLN A 16 0.35 -3.76 4.35
CA GLN A 16 1.45 -3.58 5.31
C GLN A 16 2.78 -3.61 4.58
N GLN A 17 2.86 -4.51 3.60
CA GLN A 17 4.03 -4.68 2.75
C GLN A 17 4.40 -3.35 2.07
N MET A 18 3.38 -2.65 1.61
CA MET A 18 3.57 -1.37 0.92
C MET A 18 3.94 -0.27 1.91
N ARG A 19 3.20 -0.22 3.01
CA ARG A 19 3.37 0.83 4.02
C ARG A 19 4.79 0.82 4.59
N GLN A 20 5.26 -0.36 4.96
CA GLN A 20 6.59 -0.50 5.57
C GLN A 20 7.70 -0.01 4.62
N ILE A 21 7.58 -0.34 3.35
CA ILE A 21 8.59 0.06 2.39
C ILE A 21 8.49 1.54 2.04
N ILE A 22 7.26 2.07 2.00
CA ILE A 22 7.01 3.48 1.69
C ILE A 22 7.73 4.40 2.67
N GLN A 23 7.74 4.02 3.92
CA GLN A 23 8.36 4.80 4.97
C GLN A 23 9.85 4.95 4.74
N GLN A 24 10.40 4.03 3.97
CA GLN A 24 11.81 4.04 3.63
C GLN A 24 11.99 4.52 2.18
N ASN A 25 11.00 4.23 1.34
CA ASN A 25 11.05 4.57 -0.07
C ASN A 25 9.68 5.07 -0.54
N PRO A 26 9.43 6.38 -0.46
CA PRO A 26 8.16 6.96 -0.92
C PRO A 26 8.07 6.97 -2.45
N SER A 27 9.23 6.95 -3.11
CA SER A 27 9.29 6.95 -4.56
C SER A 27 8.90 5.58 -5.13
N LEU A 28 8.70 4.61 -4.24
CA LEU A 28 8.35 3.26 -4.64
C LEU A 28 6.84 3.08 -4.72
N LEU A 29 6.12 4.19 -4.57
CA LEU A 29 4.65 4.17 -4.65
C LEU A 29 4.17 3.54 -5.99
N PRO A 30 4.65 4.05 -7.15
CA PRO A 30 4.22 3.51 -8.45
C PRO A 30 4.74 2.10 -8.68
N ALA A 31 5.80 1.74 -7.96
CA ALA A 31 6.39 0.43 -8.05
C ALA A 31 5.58 -0.60 -7.27
N LEU A 32 5.23 -0.26 -6.03
CA LEU A 32 4.46 -1.16 -5.17
C LEU A 32 3.07 -1.38 -5.75
N LEU A 33 2.55 -0.37 -6.43
CA LEU A 33 1.25 -0.46 -7.08
C LEU A 33 1.23 -1.61 -8.08
N GLN A 34 2.37 -1.84 -8.73
CA GLN A 34 2.49 -2.92 -9.71
C GLN A 34 2.33 -4.27 -9.02
N GLN A 35 2.76 -4.35 -7.75
CA GLN A 35 2.63 -5.57 -6.99
C GLN A 35 1.18 -5.82 -6.66
N ILE A 36 0.43 -4.75 -6.51
CA ILE A 36 -0.97 -4.87 -6.26
C ILE A 36 -1.67 -5.30 -7.53
N GLY A 37 -1.34 -4.65 -8.62
CA GLY A 37 -1.94 -4.96 -9.90
C GLY A 37 -1.65 -6.37 -10.37
N ARG A 38 -0.52 -6.92 -9.96
CA ARG A 38 -0.15 -8.27 -10.36
C ARG A 38 -1.07 -9.32 -9.72
N GLU A 39 -1.34 -9.19 -8.43
CA GLU A 39 -2.19 -10.13 -7.72
C GLU A 39 -3.63 -9.69 -7.74
N ASN A 40 -3.82 -8.40 -7.80
CA ASN A 40 -5.15 -7.84 -7.75
C ASN A 40 -5.31 -6.71 -8.74
N PRO A 41 -5.56 -7.04 -10.01
CA PRO A 41 -5.75 -6.03 -11.05
C PRO A 41 -7.01 -5.21 -10.81
N GLN A 42 -7.99 -5.83 -10.16
CA GLN A 42 -9.24 -5.17 -9.85
C GLN A 42 -9.05 -4.17 -8.70
N LEU A 43 -8.43 -4.64 -7.63
CA LEU A 43 -8.15 -3.78 -6.48
C LEU A 43 -7.28 -2.61 -6.92
N LEU A 44 -6.29 -2.91 -7.77
CA LEU A 44 -5.39 -1.91 -8.30
C LEU A 44 -6.15 -0.75 -8.94
N GLN A 45 -7.11 -1.07 -9.81
CA GLN A 45 -7.87 -0.06 -10.51
C GLN A 45 -8.65 0.82 -9.55
N GLN A 46 -9.07 0.24 -8.44
CA GLN A 46 -9.83 0.99 -7.44
C GLN A 46 -8.87 1.87 -6.65
N ILE A 47 -7.65 1.38 -6.44
CA ILE A 47 -6.62 2.14 -5.76
C ILE A 47 -6.20 3.32 -6.61
N SER A 48 -6.18 3.10 -7.92
CA SER A 48 -5.85 4.14 -8.89
C SER A 48 -6.84 5.29 -8.79
N GLN A 49 -8.02 4.99 -8.28
CA GLN A 49 -9.06 5.97 -8.11
C GLN A 49 -8.93 6.66 -6.75
N HIS A 50 -8.30 5.99 -5.82
CA HIS A 50 -8.19 6.49 -4.47
C HIS A 50 -6.73 6.56 -4.02
N GLN A 51 -5.85 6.95 -4.94
CA GLN A 51 -4.41 7.00 -4.70
C GLN A 51 -4.07 7.97 -3.57
N GLU A 52 -4.76 9.09 -3.54
CA GLU A 52 -4.49 10.12 -2.54
C GLU A 52 -4.54 9.56 -1.13
N HIS A 53 -5.62 8.87 -0.80
CA HIS A 53 -5.76 8.26 0.53
C HIS A 53 -4.67 7.21 0.72
N PHE A 54 -4.42 6.45 -0.33
CA PHE A 54 -3.46 5.37 -0.32
C PHE A 54 -2.07 5.85 0.09
N ILE A 55 -1.58 6.83 -0.64
CA ILE A 55 -0.24 7.37 -0.41
C ILE A 55 -0.11 8.01 0.97
N GLN A 56 -1.15 8.69 1.39
CA GLN A 56 -1.17 9.37 2.68
C GLN A 56 -1.02 8.39 3.84
N MET A 57 -1.79 7.31 3.81
CA MET A 57 -1.71 6.31 4.85
C MET A 57 -0.48 5.42 4.72
N LEU A 58 -0.01 5.26 3.48
CA LEU A 58 1.23 4.52 3.25
C LEU A 58 2.39 5.22 3.95
N ASN A 59 2.31 6.52 4.00
CA ASN A 59 3.37 7.36 4.55
C ASN A 59 3.34 7.41 6.07
N GLU A 60 2.23 7.06 6.69
CA GLU A 60 2.14 7.12 8.14
C GLU A 60 2.91 5.96 8.78
N PRO A 61 3.42 6.16 10.01
CA PRO A 61 4.24 5.16 10.71
C PRO A 61 3.46 3.90 11.05
N VAL A 62 4.11 2.75 10.90
CA VAL A 62 3.44 1.47 11.11
C VAL A 62 4.11 0.68 12.23
N GLN A 63 3.33 -0.17 12.90
CA GLN A 63 3.86 -1.02 13.96
C GLN A 63 4.91 -1.98 13.41
N GLU A 64 4.47 -2.92 12.58
CA GLU A 64 5.37 -3.89 11.99
C GLU A 64 6.27 -3.23 10.95
N ALA A 65 7.53 -3.06 11.30
CA ALA A 65 8.52 -2.44 10.43
C ALA A 65 8.77 -3.28 9.19
N GLY A 66 8.61 -4.58 9.32
CA GLY A 66 8.83 -5.49 8.22
C GLY A 66 10.11 -6.26 8.35
N GLY A 67 10.01 -7.58 8.31
CA GLY A 67 11.19 -8.42 8.45
C GLY A 67 12.10 -8.38 7.24
N GLN A 68 11.50 -8.23 6.06
CA GLN A 68 12.28 -8.21 4.81
C GLN A 68 12.95 -6.85 4.62
N GLY A 69 12.57 -5.88 5.44
CA GLY A 69 13.14 -4.56 5.33
C GLY A 69 12.57 -3.76 4.19
N GLY A 70 13.17 -3.89 3.02
CA GLY A 70 12.72 -3.16 1.86
C GLY A 70 13.59 -1.96 1.57
N GLY A 71 13.78 -1.14 2.60
CA GLY A 71 14.61 0.03 2.46
C GLY A 71 16.06 -0.29 2.71
N GLY A 72 16.82 -0.42 1.64
CA GLY A 72 18.23 -0.73 1.75
C GLY A 72 18.48 -2.22 1.83
N SER A 1 -11.17 -3.00 1.11
CA SER A 1 -12.14 -3.19 0.00
C SER A 1 -13.03 -1.96 -0.18
N GLY A 2 -12.70 -1.12 -1.15
CA GLY A 2 -13.46 0.07 -1.40
C GLY A 2 -12.58 1.28 -1.58
N GLY A 3 -13.15 2.35 -2.09
CA GLY A 3 -12.36 3.55 -2.33
C GLY A 3 -11.96 4.23 -1.05
N HIS A 4 -12.92 4.53 -0.22
CA HIS A 4 -12.64 5.14 1.07
C HIS A 4 -12.19 4.11 2.13
N PRO A 5 -12.79 2.86 2.16
CA PRO A 5 -12.40 1.78 3.10
C PRO A 5 -10.92 1.32 2.99
N LEU A 6 -10.07 2.17 2.45
CA LEU A 6 -8.64 1.91 2.40
C LEU A 6 -8.11 1.80 3.83
N GLU A 7 -8.80 2.47 4.75
CA GLU A 7 -8.51 2.40 6.18
C GLU A 7 -8.52 0.95 6.65
N PHE A 8 -9.39 0.16 6.04
CA PHE A 8 -9.49 -1.26 6.34
C PHE A 8 -8.35 -2.01 5.64
N LEU A 9 -8.10 -1.63 4.38
CA LEU A 9 -7.07 -2.26 3.57
C LEU A 9 -5.68 -2.07 4.18
N ARG A 10 -5.45 -0.91 4.76
CA ARG A 10 -4.15 -0.59 5.37
C ARG A 10 -3.82 -1.50 6.55
N ASN A 11 -4.83 -2.15 7.10
CA ASN A 11 -4.64 -3.03 8.24
C ASN A 11 -4.37 -4.45 7.79
N GLN A 12 -4.48 -4.68 6.49
CA GLN A 12 -4.24 -6.01 5.93
C GLN A 12 -2.75 -6.20 5.61
N PRO A 13 -2.23 -7.42 5.87
CA PRO A 13 -0.80 -7.74 5.67
C PRO A 13 -0.28 -7.42 4.27
N GLN A 14 -1.15 -7.55 3.28
CA GLN A 14 -0.79 -7.24 1.90
C GLN A 14 -0.37 -5.77 1.75
N PHE A 15 -1.06 -4.90 2.48
CA PHE A 15 -0.76 -3.49 2.47
C PHE A 15 0.43 -3.19 3.37
N GLN A 16 0.59 -3.98 4.45
CA GLN A 16 1.70 -3.82 5.38
C GLN A 16 3.03 -3.84 4.63
N GLN A 17 3.09 -4.69 3.61
CA GLN A 17 4.26 -4.80 2.74
C GLN A 17 4.58 -3.45 2.10
N MET A 18 3.55 -2.77 1.64
CA MET A 18 3.70 -1.48 0.98
C MET A 18 4.04 -0.38 1.98
N ARG A 19 3.33 -0.37 3.09
CA ARG A 19 3.46 0.66 4.12
C ARG A 19 4.87 0.68 4.71
N GLN A 20 5.45 -0.49 4.92
CA GLN A 20 6.78 -0.60 5.50
C GLN A 20 7.86 -0.10 4.54
N ILE A 21 7.71 -0.43 3.27
CA ILE A 21 8.69 -0.03 2.28
C ILE A 21 8.54 1.45 1.94
N ILE A 22 7.32 1.96 1.94
CA ILE A 22 7.03 3.37 1.62
C ILE A 22 7.80 4.34 2.51
N GLN A 23 7.84 4.05 3.79
CA GLN A 23 8.51 4.93 4.74
C GLN A 23 10.00 5.03 4.47
N GLN A 24 10.52 4.06 3.73
CA GLN A 24 11.91 4.02 3.37
C GLN A 24 12.08 4.45 1.91
N ASN A 25 11.16 4.00 1.08
CA ASN A 25 11.16 4.28 -0.35
C ASN A 25 9.79 4.82 -0.78
N PRO A 26 9.53 6.11 -0.58
CA PRO A 26 8.24 6.71 -0.93
C PRO A 26 8.07 6.87 -2.44
N SER A 27 9.19 6.92 -3.14
CA SER A 27 9.20 7.05 -4.57
C SER A 27 8.80 5.72 -5.24
N LEU A 28 8.65 4.69 -4.42
CA LEU A 28 8.30 3.36 -4.90
C LEU A 28 6.80 3.16 -4.93
N LEU A 29 6.06 4.25 -4.70
CA LEU A 29 4.59 4.22 -4.73
C LEU A 29 4.07 3.59 -6.05
N PRO A 30 4.51 4.08 -7.23
CA PRO A 30 4.05 3.56 -8.51
C PRO A 30 4.53 2.12 -8.75
N ALA A 31 5.63 1.76 -8.08
CA ALA A 31 6.21 0.44 -8.20
C ALA A 31 5.43 -0.58 -7.39
N LEU A 32 5.12 -0.22 -6.14
CA LEU A 32 4.36 -1.11 -5.26
C LEU A 32 2.96 -1.32 -5.79
N LEU A 33 2.42 -0.30 -6.47
CA LEU A 33 1.12 -0.40 -7.08
C LEU A 33 1.08 -1.54 -8.09
N GLN A 34 2.21 -1.73 -8.79
CA GLN A 34 2.33 -2.79 -9.78
C GLN A 34 2.21 -4.15 -9.09
N GLN A 35 2.68 -4.22 -7.85
CA GLN A 35 2.61 -5.45 -7.08
C GLN A 35 1.16 -5.72 -6.70
N ILE A 36 0.42 -4.68 -6.46
CA ILE A 36 -0.97 -4.83 -6.15
C ILE A 36 -1.70 -5.32 -7.37
N GLY A 37 -1.37 -4.74 -8.51
CA GLY A 37 -1.99 -5.12 -9.76
C GLY A 37 -1.73 -6.56 -10.15
N ARG A 38 -0.57 -7.09 -9.79
CA ARG A 38 -0.23 -8.46 -10.15
C ARG A 38 -1.07 -9.48 -9.39
N GLU A 39 -1.38 -9.18 -8.14
CA GLU A 39 -2.18 -10.08 -7.32
C GLU A 39 -3.65 -9.68 -7.32
N ASN A 40 -3.91 -8.39 -7.30
CA ASN A 40 -5.27 -7.85 -7.32
C ASN A 40 -5.41 -6.77 -8.38
N PRO A 41 -5.63 -7.14 -9.65
CA PRO A 41 -5.77 -6.18 -10.75
C PRO A 41 -6.98 -5.27 -10.56
N GLN A 42 -8.05 -5.82 -10.00
CA GLN A 42 -9.25 -5.04 -9.77
C GLN A 42 -9.05 -4.07 -8.63
N LEU A 43 -8.40 -4.54 -7.56
CA LEU A 43 -8.10 -3.70 -6.43
C LEU A 43 -7.19 -2.58 -6.85
N LEU A 44 -6.20 -2.91 -7.67
CA LEU A 44 -5.25 -1.93 -8.20
C LEU A 44 -5.98 -0.78 -8.88
N GLN A 45 -6.89 -1.11 -9.78
CA GLN A 45 -7.64 -0.11 -10.54
C GLN A 45 -8.43 0.80 -9.61
N GLN A 46 -8.98 0.21 -8.57
CA GLN A 46 -9.79 0.97 -7.62
C GLN A 46 -8.88 1.86 -6.76
N ILE A 47 -7.67 1.36 -6.49
CA ILE A 47 -6.67 2.09 -5.73
C ILE A 47 -6.15 3.27 -6.55
N SER A 48 -5.94 3.02 -7.83
CA SER A 48 -5.43 4.03 -8.74
C SER A 48 -6.42 5.20 -8.87
N GLN A 49 -7.65 4.96 -8.46
CA GLN A 49 -8.67 5.98 -8.47
C GLN A 49 -8.66 6.76 -7.15
N HIS A 50 -8.14 6.15 -6.12
CA HIS A 50 -8.15 6.73 -4.79
C HIS A 50 -6.74 6.76 -4.22
N GLN A 51 -5.80 7.20 -5.04
CA GLN A 51 -4.39 7.22 -4.69
C GLN A 51 -4.10 8.18 -3.54
N GLU A 52 -4.80 9.30 -3.50
CA GLU A 52 -4.60 10.31 -2.45
C GLU A 52 -4.70 9.68 -1.07
N HIS A 53 -5.81 9.01 -0.82
CA HIS A 53 -6.02 8.32 0.45
C HIS A 53 -4.98 7.21 0.64
N PHE A 54 -4.66 6.53 -0.45
CA PHE A 54 -3.74 5.41 -0.42
C PHE A 54 -2.35 5.83 0.09
N ILE A 55 -1.83 6.89 -0.50
CA ILE A 55 -0.50 7.40 -0.16
C ILE A 55 -0.44 7.85 1.30
N GLN A 56 -1.56 8.38 1.78
CA GLN A 56 -1.65 8.84 3.16
C GLN A 56 -1.47 7.68 4.13
N MET A 57 -2.18 6.57 3.86
CA MET A 57 -2.08 5.37 4.70
C MET A 57 -0.67 4.84 4.66
N LEU A 58 -0.15 4.82 3.45
CA LEU A 58 1.19 4.32 3.18
C LEU A 58 2.26 5.09 3.96
N ASN A 59 2.09 6.39 4.08
CA ASN A 59 3.07 7.23 4.75
C ASN A 59 2.92 7.19 6.26
N GLU A 60 1.92 6.48 6.73
CA GLU A 60 1.71 6.32 8.16
C GLU A 60 2.56 5.17 8.69
N PRO A 61 2.91 5.19 9.99
CA PRO A 61 3.72 4.14 10.61
C PRO A 61 3.07 2.77 10.50
N VAL A 62 3.87 1.76 10.22
CA VAL A 62 3.36 0.42 10.04
C VAL A 62 3.51 -0.39 11.33
N GLN A 63 2.64 -1.37 11.50
CA GLN A 63 2.65 -2.21 12.68
C GLN A 63 3.46 -3.47 12.43
N GLU A 64 3.03 -4.24 11.45
CA GLU A 64 3.69 -5.48 11.13
C GLU A 64 4.74 -5.27 10.04
N ALA A 65 5.99 -5.25 10.45
CA ALA A 65 7.09 -5.09 9.52
C ALA A 65 7.61 -6.44 9.08
N GLY A 66 8.04 -6.54 7.85
CA GLY A 66 8.52 -7.78 7.32
C GLY A 66 7.90 -8.10 5.98
N GLY A 67 8.73 -8.40 5.01
CA GLY A 67 8.24 -8.72 3.70
C GLY A 67 9.14 -9.71 3.00
N GLN A 68 8.79 -10.04 1.77
CA GLN A 68 9.57 -11.00 0.99
C GLN A 68 10.97 -10.47 0.71
N GLY A 69 11.06 -9.20 0.34
CA GLY A 69 12.35 -8.61 0.05
C GLY A 69 12.24 -7.15 -0.31
N GLY A 70 11.80 -6.34 0.63
CA GLY A 70 11.65 -4.93 0.39
C GLY A 70 12.25 -4.10 1.50
N GLY A 71 12.46 -2.81 1.22
CA GLY A 71 13.04 -1.92 2.20
C GLY A 71 14.17 -1.12 1.62
N GLY A 72 14.91 -0.43 2.48
CA GLY A 72 16.01 0.38 2.02
C GLY A 72 17.31 -0.41 1.93
N SER A 1 -14.52 -3.92 1.86
CA SER A 1 -15.15 -3.90 0.52
C SER A 1 -15.41 -2.45 0.08
N GLY A 2 -15.39 -1.54 1.04
CA GLY A 2 -15.64 -0.14 0.74
C GLY A 2 -14.58 0.45 -0.15
N GLY A 3 -15.01 1.14 -1.19
CA GLY A 3 -14.09 1.75 -2.13
C GLY A 3 -13.38 2.96 -1.56
N HIS A 4 -14.12 3.79 -0.85
CA HIS A 4 -13.56 5.02 -0.28
C HIS A 4 -12.70 4.76 0.99
N PRO A 5 -13.18 3.94 1.96
CA PRO A 5 -12.42 3.65 3.18
C PRO A 5 -11.18 2.77 2.92
N LEU A 6 -10.09 3.41 2.51
CA LEU A 6 -8.83 2.73 2.28
C LEU A 6 -8.28 2.17 3.59
N GLU A 7 -8.68 2.79 4.69
CA GLU A 7 -8.29 2.36 6.02
C GLU A 7 -8.62 0.88 6.22
N PHE A 8 -9.64 0.37 5.55
CA PHE A 8 -9.98 -1.04 5.66
C PHE A 8 -8.85 -1.90 5.10
N LEU A 9 -8.20 -1.42 4.06
CA LEU A 9 -7.14 -2.16 3.39
C LEU A 9 -5.88 -2.23 4.26
N ARG A 10 -5.72 -1.27 5.18
CA ARG A 10 -4.54 -1.24 6.07
C ARG A 10 -4.53 -2.45 6.98
N ASN A 11 -5.68 -3.06 7.13
CA ASN A 11 -5.83 -4.21 7.99
C ASN A 11 -5.33 -5.47 7.30
N GLN A 12 -5.10 -5.36 6.00
CA GLN A 12 -4.58 -6.47 5.22
C GLN A 12 -3.06 -6.45 5.19
N PRO A 13 -2.41 -7.60 5.35
CA PRO A 13 -0.94 -7.72 5.34
C PRO A 13 -0.34 -7.28 4.00
N GLN A 14 -1.11 -7.45 2.94
CA GLN A 14 -0.68 -7.07 1.60
C GLN A 14 -0.40 -5.57 1.51
N PHE A 15 -1.17 -4.79 2.26
CA PHE A 15 -0.99 -3.36 2.30
C PHE A 15 0.17 -2.99 3.22
N GLN A 16 0.36 -3.79 4.27
CA GLN A 16 1.45 -3.56 5.22
C GLN A 16 2.79 -3.63 4.51
N GLN A 17 2.88 -4.55 3.56
CA GLN A 17 4.07 -4.71 2.73
C GLN A 17 4.43 -3.40 2.03
N MET A 18 3.40 -2.68 1.60
CA MET A 18 3.60 -1.42 0.92
C MET A 18 3.97 -0.31 1.89
N ARG A 19 3.25 -0.24 3.00
CA ARG A 19 3.46 0.81 4.00
C ARG A 19 4.85 0.72 4.62
N GLN A 20 5.28 -0.49 4.94
CA GLN A 20 6.60 -0.70 5.56
C GLN A 20 7.73 -0.23 4.66
N ILE A 21 7.63 -0.51 3.37
CA ILE A 21 8.66 -0.13 2.44
C ILE A 21 8.62 1.37 2.14
N ILE A 22 7.41 1.93 2.12
CA ILE A 22 7.19 3.37 1.87
C ILE A 22 7.94 4.24 2.86
N GLN A 23 7.99 3.81 4.10
CA GLN A 23 8.64 4.57 5.17
C GLN A 23 10.11 4.78 4.84
N GLN A 24 10.67 3.86 4.05
CA GLN A 24 12.05 3.90 3.65
C GLN A 24 12.18 4.38 2.21
N ASN A 25 11.18 4.05 1.40
CA ASN A 25 11.17 4.38 -0.01
C ASN A 25 9.81 4.91 -0.44
N PRO A 26 9.58 6.22 -0.31
CA PRO A 26 8.31 6.83 -0.70
C PRO A 26 8.16 6.93 -2.23
N SER A 27 9.28 6.96 -2.93
CA SER A 27 9.27 7.06 -4.39
C SER A 27 8.93 5.71 -5.03
N LEU A 28 8.81 4.68 -4.21
CA LEU A 28 8.49 3.35 -4.67
C LEU A 28 6.99 3.14 -4.76
N LEU A 29 6.23 4.21 -4.54
CA LEU A 29 4.77 4.18 -4.61
C LEU A 29 4.28 3.56 -5.94
N PRO A 30 4.74 4.06 -7.11
CA PRO A 30 4.31 3.53 -8.40
C PRO A 30 4.80 2.09 -8.61
N ALA A 31 5.87 1.74 -7.91
CA ALA A 31 6.45 0.41 -8.01
C ALA A 31 5.64 -0.60 -7.19
N LEU A 32 5.26 -0.20 -5.98
CA LEU A 32 4.47 -1.06 -5.11
C LEU A 32 3.06 -1.27 -5.69
N LEU A 33 2.56 -0.25 -6.38
CA LEU A 33 1.25 -0.35 -7.02
C LEU A 33 1.23 -1.50 -8.02
N GLN A 34 2.35 -1.71 -8.70
CA GLN A 34 2.48 -2.79 -9.66
C GLN A 34 2.40 -4.14 -8.95
N GLN A 35 2.82 -4.16 -7.69
CA GLN A 35 2.79 -5.37 -6.90
C GLN A 35 1.34 -5.71 -6.56
N ILE A 36 0.52 -4.70 -6.44
CA ILE A 36 -0.89 -4.90 -6.19
C ILE A 36 -1.54 -5.38 -7.46
N GLY A 37 -1.28 -4.69 -8.57
CA GLY A 37 -1.86 -5.05 -9.84
C GLY A 37 -1.47 -6.44 -10.31
N ARG A 38 -0.31 -6.94 -9.87
CA ARG A 38 0.14 -8.27 -10.28
C ARG A 38 -0.74 -9.37 -9.69
N GLU A 39 -1.22 -9.16 -8.47
CA GLU A 39 -2.07 -10.14 -7.82
C GLU A 39 -3.52 -9.72 -7.82
N ASN A 40 -3.75 -8.43 -7.97
CA ASN A 40 -5.09 -7.90 -7.88
C ASN A 40 -5.29 -6.71 -8.81
N PRO A 41 -5.56 -6.97 -10.09
CA PRO A 41 -5.81 -5.91 -11.06
C PRO A 41 -7.06 -5.10 -10.70
N GLN A 42 -8.07 -5.78 -10.15
CA GLN A 42 -9.31 -5.10 -9.77
C GLN A 42 -9.08 -4.19 -8.57
N LEU A 43 -8.40 -4.72 -7.54
CA LEU A 43 -8.10 -3.91 -6.36
C LEU A 43 -7.25 -2.73 -6.78
N LEU A 44 -6.33 -2.98 -7.70
CA LEU A 44 -5.46 -1.93 -8.23
C LEU A 44 -6.29 -0.79 -8.83
N GLN A 45 -7.26 -1.14 -9.67
CA GLN A 45 -8.12 -0.16 -10.32
C GLN A 45 -8.93 0.61 -9.27
N GLN A 46 -9.25 -0.06 -8.18
CA GLN A 46 -9.98 0.53 -7.08
C GLN A 46 -9.08 1.54 -6.36
N ILE A 47 -7.81 1.20 -6.27
CA ILE A 47 -6.82 2.05 -5.64
C ILE A 47 -6.50 3.26 -6.53
N SER A 48 -6.52 3.04 -7.84
CA SER A 48 -6.24 4.09 -8.82
C SER A 48 -7.20 5.28 -8.65
N GLN A 49 -8.42 4.97 -8.22
CA GLN A 49 -9.44 5.98 -8.00
C GLN A 49 -9.24 6.68 -6.65
N HIS A 50 -8.46 6.07 -5.79
CA HIS A 50 -8.31 6.57 -4.44
C HIS A 50 -6.83 6.62 -4.04
N GLN A 51 -5.98 6.97 -5.00
CA GLN A 51 -4.54 7.00 -4.79
C GLN A 51 -4.13 8.00 -3.73
N GLU A 52 -4.80 9.14 -3.70
CA GLU A 52 -4.50 10.19 -2.73
C GLU A 52 -4.54 9.63 -1.31
N HIS A 53 -5.66 8.99 -0.97
CA HIS A 53 -5.81 8.35 0.34
C HIS A 53 -4.73 7.29 0.54
N PHE A 54 -4.50 6.50 -0.50
CA PHE A 54 -3.56 5.41 -0.47
C PHE A 54 -2.16 5.88 -0.08
N ILE A 55 -1.66 6.86 -0.80
CA ILE A 55 -0.32 7.39 -0.58
C ILE A 55 -0.19 8.03 0.80
N GLN A 56 -1.22 8.75 1.21
CA GLN A 56 -1.21 9.43 2.50
C GLN A 56 -1.09 8.43 3.65
N MET A 57 -1.87 7.37 3.60
CA MET A 57 -1.82 6.36 4.65
C MET A 57 -0.59 5.48 4.53
N LEU A 58 -0.08 5.32 3.32
CA LEU A 58 1.17 4.60 3.12
C LEU A 58 2.30 5.31 3.84
N ASN A 59 2.24 6.63 3.77
CA ASN A 59 3.28 7.47 4.34
C ASN A 59 3.13 7.66 5.84
N GLU A 60 1.97 7.33 6.39
CA GLU A 60 1.77 7.47 7.82
C GLU A 60 2.63 6.41 8.55
N PRO A 61 3.07 6.72 9.76
CA PRO A 61 3.99 5.87 10.51
C PRO A 61 3.39 4.54 10.91
N VAL A 62 4.06 3.48 10.53
CA VAL A 62 3.62 2.13 10.82
C VAL A 62 4.41 1.58 12.01
N GLN A 63 3.77 0.71 12.79
CA GLN A 63 4.43 0.14 13.96
C GLN A 63 5.66 -0.66 13.56
N GLU A 64 5.47 -1.71 12.77
CA GLU A 64 6.57 -2.57 12.37
C GLU A 64 7.04 -2.26 10.96
N ALA A 65 8.33 -2.52 10.71
CA ALA A 65 8.93 -2.26 9.41
C ALA A 65 8.94 -3.51 8.54
N GLY A 66 8.34 -4.58 9.05
CA GLY A 66 8.25 -5.81 8.29
C GLY A 66 9.49 -6.67 8.41
N GLY A 67 9.48 -7.82 7.73
CA GLY A 67 10.60 -8.74 7.81
C GLY A 67 11.40 -8.82 6.52
N GLN A 68 10.94 -8.11 5.48
CA GLN A 68 11.65 -8.11 4.21
C GLN A 68 12.45 -6.82 4.04
N GLY A 69 12.26 -5.90 4.98
CA GLY A 69 12.94 -4.62 4.91
C GLY A 69 12.36 -3.73 3.82
N GLY A 70 13.01 -3.72 2.68
CA GLY A 70 12.56 -2.92 1.56
C GLY A 70 13.45 -1.73 1.32
N GLY A 71 13.97 -1.17 2.39
CA GLY A 71 14.85 -0.02 2.29
C GLY A 71 16.30 -0.42 2.46
N GLY A 72 16.71 -1.48 1.78
CA GLY A 72 18.08 -1.94 1.88
C GLY A 72 18.17 -3.44 2.04
N SER A 1 -16.16 -4.64 3.03
CA SER A 1 -14.91 -4.10 2.43
C SER A 1 -15.21 -3.04 1.36
N GLY A 2 -14.97 -1.78 1.71
CA GLY A 2 -15.24 -0.71 0.78
C GLY A 2 -14.01 -0.25 0.05
N GLY A 3 -14.21 0.27 -1.15
CA GLY A 3 -13.11 0.76 -1.96
C GLY A 3 -12.55 2.09 -1.44
N HIS A 4 -13.44 2.97 -0.99
CA HIS A 4 -13.02 4.26 -0.47
C HIS A 4 -12.36 4.16 0.93
N PRO A 5 -12.94 3.36 1.88
CA PRO A 5 -12.35 3.16 3.22
C PRO A 5 -11.02 2.38 3.18
N LEU A 6 -10.00 3.01 2.64
CA LEU A 6 -8.66 2.45 2.58
C LEU A 6 -8.12 2.18 3.98
N GLU A 7 -8.66 2.91 4.95
CA GLU A 7 -8.31 2.74 6.35
C GLU A 7 -8.47 1.27 6.76
N PHE A 8 -9.40 0.58 6.12
CA PHE A 8 -9.58 -0.85 6.33
C PHE A 8 -8.51 -1.64 5.56
N LEU A 9 -8.28 -1.24 4.32
CA LEU A 9 -7.32 -1.91 3.44
C LEU A 9 -5.91 -1.86 4.02
N ARG A 10 -5.56 -0.73 4.63
CA ARG A 10 -4.23 -0.54 5.21
C ARG A 10 -3.92 -1.57 6.30
N ASN A 11 -4.97 -2.21 6.82
CA ASN A 11 -4.80 -3.18 7.90
C ASN A 11 -4.51 -4.57 7.36
N GLN A 12 -4.65 -4.75 6.05
CA GLN A 12 -4.40 -6.02 5.42
C GLN A 12 -2.92 -6.19 5.09
N PRO A 13 -2.38 -7.43 5.29
CA PRO A 13 -0.97 -7.76 5.07
C PRO A 13 -0.43 -7.33 3.71
N GLN A 14 -1.28 -7.42 2.70
CA GLN A 14 -0.93 -7.02 1.34
C GLN A 14 -0.47 -5.57 1.30
N PHE A 15 -1.18 -4.72 2.05
CA PHE A 15 -0.85 -3.32 2.11
C PHE A 15 0.32 -3.09 3.07
N GLN A 16 0.40 -3.92 4.10
CA GLN A 16 1.49 -3.84 5.09
C GLN A 16 2.84 -3.89 4.39
N GLN A 17 2.90 -4.70 3.35
CA GLN A 17 4.10 -4.84 2.52
C GLN A 17 4.47 -3.51 1.88
N MET A 18 3.48 -2.81 1.39
CA MET A 18 3.69 -1.54 0.72
C MET A 18 4.00 -0.43 1.74
N ARG A 19 3.26 -0.46 2.84
CA ARG A 19 3.38 0.56 3.89
C ARG A 19 4.77 0.56 4.53
N GLN A 20 5.28 -0.62 4.82
CA GLN A 20 6.59 -0.75 5.46
C GLN A 20 7.71 -0.20 4.58
N ILE A 21 7.62 -0.45 3.29
CA ILE A 21 8.63 0.00 2.37
C ILE A 21 8.51 1.49 2.08
N ILE A 22 7.27 2.00 2.03
CA ILE A 22 7.01 3.42 1.73
C ILE A 22 7.70 4.36 2.71
N GLN A 23 7.73 3.98 3.97
CA GLN A 23 8.35 4.80 4.99
C GLN A 23 9.84 5.00 4.72
N GLN A 24 10.41 4.09 3.97
CA GLN A 24 11.81 4.15 3.61
C GLN A 24 11.96 4.58 2.14
N ASN A 25 11.03 4.14 1.32
CA ASN A 25 11.02 4.40 -0.10
C ASN A 25 9.67 4.96 -0.55
N PRO A 26 9.45 6.28 -0.39
CA PRO A 26 8.19 6.93 -0.78
C PRO A 26 8.04 7.06 -2.28
N SER A 27 9.16 7.03 -2.98
CA SER A 27 9.19 7.13 -4.43
C SER A 27 8.83 5.78 -5.09
N LEU A 28 8.64 4.77 -4.26
CA LEU A 28 8.31 3.43 -4.73
C LEU A 28 6.80 3.25 -4.82
N LEU A 29 6.06 4.33 -4.62
CA LEU A 29 4.60 4.32 -4.69
C LEU A 29 4.09 3.70 -6.01
N PRO A 30 4.55 4.20 -7.18
CA PRO A 30 4.10 3.67 -8.49
C PRO A 30 4.58 2.25 -8.71
N ALA A 31 5.66 1.88 -8.03
CA ALA A 31 6.24 0.56 -8.14
C ALA A 31 5.43 -0.46 -7.36
N LEU A 32 5.12 -0.12 -6.10
CA LEU A 32 4.35 -1.00 -5.24
C LEU A 32 2.95 -1.21 -5.81
N LEU A 33 2.42 -0.19 -6.48
CA LEU A 33 1.11 -0.28 -7.10
C LEU A 33 1.07 -1.44 -8.10
N GLN A 34 2.18 -1.63 -8.82
CA GLN A 34 2.26 -2.70 -9.80
C GLN A 34 2.27 -4.07 -9.10
N GLN A 35 2.74 -4.08 -7.86
CA GLN A 35 2.77 -5.31 -7.08
C GLN A 35 1.37 -5.64 -6.62
N ILE A 36 0.55 -4.61 -6.45
CA ILE A 36 -0.83 -4.81 -6.07
C ILE A 36 -1.60 -5.38 -7.24
N GLY A 37 -1.35 -4.83 -8.42
CA GLY A 37 -2.01 -5.30 -9.62
C GLY A 37 -1.72 -6.74 -9.94
N ARG A 38 -0.56 -7.23 -9.51
CA ARG A 38 -0.15 -8.60 -9.79
C ARG A 38 -0.82 -9.59 -8.83
N GLU A 39 -1.38 -9.06 -7.74
CA GLU A 39 -2.06 -9.91 -6.76
C GLU A 39 -3.57 -9.62 -6.74
N ASN A 40 -3.91 -8.36 -6.95
CA ASN A 40 -5.30 -7.90 -7.01
C ASN A 40 -5.47 -6.87 -8.11
N PRO A 41 -5.65 -7.33 -9.36
CA PRO A 41 -5.80 -6.43 -10.52
C PRO A 41 -7.01 -5.52 -10.38
N GLN A 42 -8.08 -6.04 -9.78
CA GLN A 42 -9.28 -5.27 -9.60
C GLN A 42 -9.09 -4.23 -8.52
N LEU A 43 -8.43 -4.64 -7.42
CA LEU A 43 -8.15 -3.73 -6.33
C LEU A 43 -7.23 -2.62 -6.81
N LEU A 44 -6.25 -2.99 -7.63
CA LEU A 44 -5.31 -2.02 -8.20
C LEU A 44 -6.05 -0.89 -8.91
N GLN A 45 -7.01 -1.26 -9.75
CA GLN A 45 -7.79 -0.30 -10.51
C GLN A 45 -8.53 0.66 -9.59
N GLN A 46 -9.04 0.13 -8.50
CA GLN A 46 -9.80 0.94 -7.56
C GLN A 46 -8.85 1.84 -6.76
N ILE A 47 -7.65 1.34 -6.52
CA ILE A 47 -6.62 2.08 -5.82
C ILE A 47 -6.16 3.25 -6.66
N SER A 48 -6.10 3.04 -7.97
CA SER A 48 -5.70 4.08 -8.91
C SER A 48 -6.62 5.31 -8.81
N GLN A 49 -7.86 5.07 -8.38
CA GLN A 49 -8.83 6.12 -8.19
C GLN A 49 -8.66 6.78 -6.82
N HIS A 50 -8.16 6.02 -5.88
CA HIS A 50 -8.04 6.49 -4.51
C HIS A 50 -6.58 6.62 -4.09
N GLN A 51 -5.70 6.92 -5.05
CA GLN A 51 -4.26 7.04 -4.80
C GLN A 51 -3.93 8.05 -3.71
N GLU A 52 -4.63 9.18 -3.73
CA GLU A 52 -4.38 10.26 -2.75
C GLU A 52 -4.50 9.72 -1.32
N HIS A 53 -5.55 8.95 -1.10
CA HIS A 53 -5.81 8.36 0.21
C HIS A 53 -4.79 7.25 0.48
N PHE A 54 -4.44 6.53 -0.58
CA PHE A 54 -3.53 5.40 -0.50
C PHE A 54 -2.17 5.84 0.04
N ILE A 55 -1.63 6.90 -0.54
CA ILE A 55 -0.32 7.42 -0.18
C ILE A 55 -0.30 7.87 1.29
N GLN A 56 -1.44 8.32 1.77
CA GLN A 56 -1.56 8.77 3.15
C GLN A 56 -1.40 7.62 4.13
N MET A 57 -2.14 6.54 3.89
CA MET A 57 -2.05 5.35 4.75
C MET A 57 -0.67 4.75 4.65
N LEU A 58 -0.16 4.75 3.45
CA LEU A 58 1.18 4.23 3.16
C LEU A 58 2.24 4.93 3.98
N ASN A 59 2.11 6.25 4.10
CA ASN A 59 3.09 7.06 4.80
C ASN A 59 2.90 7.03 6.31
N GLU A 60 1.89 6.32 6.76
CA GLU A 60 1.63 6.21 8.18
C GLU A 60 2.50 5.12 8.81
N PRO A 61 2.99 5.37 10.03
CA PRO A 61 3.75 4.39 10.81
C PRO A 61 3.04 3.05 10.85
N VAL A 62 3.76 1.99 10.61
CA VAL A 62 3.15 0.67 10.55
C VAL A 62 3.38 -0.10 11.84
N GLN A 63 2.44 -1.00 12.12
CA GLN A 63 2.48 -1.80 13.31
C GLN A 63 3.58 -2.86 13.22
N GLU A 64 3.61 -3.57 12.10
CA GLU A 64 4.59 -4.61 11.91
C GLU A 64 5.09 -4.65 10.46
N ALA A 65 6.39 -4.72 10.30
CA ALA A 65 7.00 -4.81 8.99
C ALA A 65 7.54 -6.20 8.76
N GLY A 66 8.17 -6.42 7.61
CA GLY A 66 8.74 -7.71 7.32
C GLY A 66 7.97 -8.46 6.27
N GLY A 67 7.90 -7.90 5.06
CA GLY A 67 7.24 -8.60 3.96
C GLY A 67 8.16 -9.63 3.34
N GLN A 68 9.37 -9.20 3.06
CA GLN A 68 10.42 -10.07 2.54
C GLN A 68 11.75 -9.42 2.86
N GLY A 69 11.96 -8.24 2.31
CA GLY A 69 13.15 -7.48 2.60
C GLY A 69 12.84 -6.37 3.58
N GLY A 70 12.14 -5.36 3.10
CA GLY A 70 11.75 -4.26 3.96
C GLY A 70 12.55 -3.00 3.73
N GLY A 71 12.42 -2.40 2.56
CA GLY A 71 13.12 -1.16 2.29
C GLY A 71 14.51 -1.37 1.75
N GLY A 72 15.40 -1.86 2.58
CA GLY A 72 16.78 -2.08 2.17
C GLY A 72 17.72 -2.14 3.35
N SER A 1 -17.06 -1.11 -5.23
CA SER A 1 -17.75 -1.08 -3.92
C SER A 1 -16.75 -1.09 -2.76
N GLY A 2 -16.69 0.01 -2.03
CA GLY A 2 -15.77 0.12 -0.92
C GLY A 2 -14.48 0.80 -1.30
N GLY A 3 -14.58 1.73 -2.24
CA GLY A 3 -13.41 2.45 -2.72
C GLY A 3 -12.85 3.45 -1.71
N HIS A 4 -13.73 4.13 -1.01
CA HIS A 4 -13.32 5.16 -0.04
C HIS A 4 -12.81 4.54 1.29
N PRO A 5 -13.50 3.48 1.86
CA PRO A 5 -13.06 2.82 3.11
C PRO A 5 -11.71 2.08 2.98
N LEU A 6 -10.69 2.82 2.60
CA LEU A 6 -9.32 2.30 2.47
C LEU A 6 -8.76 1.92 3.82
N GLU A 7 -9.30 2.53 4.88
CA GLU A 7 -8.90 2.22 6.25
C GLU A 7 -9.01 0.71 6.52
N PHE A 8 -9.92 0.06 5.82
CA PHE A 8 -10.09 -1.38 5.93
C PHE A 8 -8.91 -2.09 5.24
N LEU A 9 -8.46 -1.51 4.13
CA LEU A 9 -7.38 -2.08 3.33
C LEU A 9 -6.03 -1.89 4.02
N ARG A 10 -5.86 -0.77 4.71
CA ARG A 10 -4.60 -0.45 5.37
C ARG A 10 -4.29 -1.44 6.50
N ASN A 11 -5.27 -2.24 6.86
CA ASN A 11 -5.09 -3.24 7.91
C ASN A 11 -4.77 -4.61 7.33
N GLN A 12 -4.76 -4.70 6.00
CA GLN A 12 -4.47 -5.95 5.32
C GLN A 12 -2.96 -6.12 5.10
N PRO A 13 -2.42 -7.33 5.37
CA PRO A 13 -0.97 -7.63 5.27
C PRO A 13 -0.36 -7.26 3.91
N GLN A 14 -1.13 -7.45 2.84
CA GLN A 14 -0.66 -7.11 1.49
C GLN A 14 -0.28 -5.63 1.41
N PHE A 15 -1.02 -4.80 2.14
CA PHE A 15 -0.77 -3.39 2.18
C PHE A 15 0.39 -3.07 3.12
N GLN A 16 0.55 -3.88 4.16
CA GLN A 16 1.64 -3.68 5.14
C GLN A 16 2.98 -3.78 4.45
N GLN A 17 3.07 -4.68 3.49
CA GLN A 17 4.26 -4.86 2.67
C GLN A 17 4.61 -3.56 1.97
N MET A 18 3.59 -2.86 1.52
CA MET A 18 3.78 -1.59 0.83
C MET A 18 4.13 -0.47 1.82
N ARG A 19 3.44 -0.45 2.95
CA ARG A 19 3.64 0.58 3.97
C ARG A 19 5.06 0.56 4.52
N GLN A 20 5.54 -0.63 4.88
CA GLN A 20 6.87 -0.79 5.47
C GLN A 20 7.96 -0.27 4.54
N ILE A 21 7.82 -0.55 3.25
CA ILE A 21 8.79 -0.09 2.28
C ILE A 21 8.62 1.40 1.98
N ILE A 22 7.38 1.88 1.99
CA ILE A 22 7.07 3.29 1.74
C ILE A 22 7.74 4.21 2.75
N GLN A 23 7.76 3.80 4.00
CA GLN A 23 8.39 4.57 5.05
C GLN A 23 9.87 4.78 4.79
N GLN A 24 10.43 3.95 3.92
CA GLN A 24 11.81 4.06 3.51
C GLN A 24 11.90 4.64 2.09
N ASN A 25 10.93 4.29 1.25
CA ASN A 25 10.91 4.73 -0.15
C ASN A 25 9.52 5.19 -0.57
N PRO A 26 9.23 6.49 -0.47
CA PRO A 26 7.94 7.05 -0.89
C PRO A 26 7.80 7.11 -2.41
N SER A 27 8.94 7.14 -3.10
CA SER A 27 8.97 7.20 -4.55
C SER A 27 8.69 5.84 -5.18
N LEU A 28 8.58 4.82 -4.34
CA LEU A 28 8.30 3.47 -4.80
C LEU A 28 6.80 3.22 -4.89
N LEU A 29 6.03 4.29 -4.70
CA LEU A 29 4.57 4.24 -4.79
C LEU A 29 4.10 3.55 -6.09
N PRO A 30 4.57 4.02 -7.29
CA PRO A 30 4.15 3.43 -8.56
C PRO A 30 4.66 1.99 -8.73
N ALA A 31 5.75 1.68 -8.04
CA ALA A 31 6.35 0.36 -8.11
C ALA A 31 5.55 -0.66 -7.29
N LEU A 32 5.21 -0.27 -6.07
CA LEU A 32 4.43 -1.15 -5.20
C LEU A 32 3.03 -1.38 -5.75
N LEU A 33 2.50 -0.36 -6.44
CA LEU A 33 1.19 -0.49 -7.07
C LEU A 33 1.16 -1.66 -8.03
N GLN A 34 2.28 -1.88 -8.72
CA GLN A 34 2.39 -2.99 -9.66
C GLN A 34 2.36 -4.31 -8.91
N GLN A 35 2.84 -4.29 -7.67
CA GLN A 35 2.86 -5.48 -6.84
C GLN A 35 1.45 -5.77 -6.34
N ILE A 36 0.65 -4.74 -6.22
CA ILE A 36 -0.75 -4.90 -5.88
C ILE A 36 -1.50 -5.46 -7.06
N GLY A 37 -1.30 -4.84 -8.23
CA GLY A 37 -1.97 -5.25 -9.43
C GLY A 37 -1.66 -6.68 -9.85
N ARG A 38 -0.52 -7.20 -9.42
CA ARG A 38 -0.14 -8.56 -9.78
C ARG A 38 -1.00 -9.59 -9.05
N GLU A 39 -1.49 -9.23 -7.86
CA GLU A 39 -2.35 -10.12 -7.10
C GLU A 39 -3.78 -9.62 -7.07
N ASN A 40 -3.94 -8.34 -7.24
CA ASN A 40 -5.25 -7.72 -7.22
C ASN A 40 -5.37 -6.66 -8.29
N PRO A 41 -5.63 -7.06 -9.55
CA PRO A 41 -5.77 -6.12 -10.66
C PRO A 41 -6.98 -5.22 -10.47
N GLN A 42 -8.05 -5.79 -9.91
CA GLN A 42 -9.27 -5.05 -9.65
C GLN A 42 -9.04 -4.01 -8.58
N LEU A 43 -8.44 -4.43 -7.47
CA LEU A 43 -8.14 -3.51 -6.38
C LEU A 43 -7.20 -2.42 -6.86
N LEU A 44 -6.20 -2.81 -7.67
CA LEU A 44 -5.25 -1.87 -8.23
C LEU A 44 -5.96 -0.72 -8.94
N GLN A 45 -6.89 -1.08 -9.82
CA GLN A 45 -7.63 -0.10 -10.60
C GLN A 45 -8.38 0.86 -9.68
N GLN A 46 -8.91 0.34 -8.59
CA GLN A 46 -9.69 1.15 -7.66
C GLN A 46 -8.75 2.03 -6.83
N ILE A 47 -7.57 1.49 -6.53
CA ILE A 47 -6.56 2.20 -5.77
C ILE A 47 -6.02 3.36 -6.60
N SER A 48 -5.86 3.11 -7.89
CA SER A 48 -5.37 4.13 -8.81
C SER A 48 -6.35 5.31 -8.87
N GLN A 49 -7.61 5.04 -8.55
CA GLN A 49 -8.64 6.05 -8.50
C GLN A 49 -8.57 6.81 -7.19
N HIS A 50 -8.26 6.09 -6.13
CA HIS A 50 -8.22 6.64 -4.80
C HIS A 50 -6.79 6.68 -4.25
N GLN A 51 -5.88 7.21 -5.07
CA GLN A 51 -4.47 7.26 -4.71
C GLN A 51 -4.18 8.26 -3.59
N GLU A 52 -4.95 9.33 -3.55
CA GLU A 52 -4.75 10.36 -2.53
C GLU A 52 -4.77 9.77 -1.13
N HIS A 53 -5.83 9.03 -0.82
CA HIS A 53 -5.93 8.35 0.47
C HIS A 53 -4.90 7.24 0.59
N PHE A 54 -4.59 6.62 -0.55
CA PHE A 54 -3.66 5.51 -0.60
C PHE A 54 -2.27 5.91 -0.10
N ILE A 55 -1.77 6.99 -0.63
CA ILE A 55 -0.43 7.48 -0.29
C ILE A 55 -0.35 7.87 1.18
N GLN A 56 -1.43 8.44 1.70
CA GLN A 56 -1.48 8.89 3.08
C GLN A 56 -1.37 7.72 4.05
N MET A 57 -2.12 6.65 3.80
CA MET A 57 -2.08 5.49 4.68
C MET A 57 -0.77 4.70 4.50
N LEU A 58 -0.19 4.79 3.31
CA LEU A 58 1.11 4.17 3.05
C LEU A 58 2.19 4.84 3.88
N ASN A 59 2.11 6.16 3.95
CA ASN A 59 3.13 6.95 4.62
C ASN A 59 2.94 6.98 6.13
N GLU A 60 1.78 6.55 6.60
CA GLU A 60 1.51 6.54 8.02
C GLU A 60 2.21 5.33 8.68
N PRO A 61 2.38 5.34 10.02
CA PRO A 61 3.08 4.28 10.75
C PRO A 61 2.35 2.94 10.71
N VAL A 62 3.09 1.88 10.98
CA VAL A 62 2.54 0.54 10.96
C VAL A 62 2.53 -0.06 12.38
N GLN A 63 1.48 -0.79 12.70
CA GLN A 63 1.32 -1.36 14.04
C GLN A 63 2.16 -2.63 14.22
N GLU A 64 3.48 -2.46 14.22
CA GLU A 64 4.44 -3.54 14.41
C GLU A 64 4.23 -4.70 13.44
N ALA A 65 3.68 -4.41 12.28
CA ALA A 65 3.43 -5.41 11.26
C ALA A 65 4.42 -5.26 10.12
N GLY A 66 4.72 -6.35 9.46
CA GLY A 66 5.67 -6.32 8.37
C GLY A 66 7.09 -6.37 8.87
N GLY A 67 7.84 -5.30 8.60
CA GLY A 67 9.23 -5.22 9.04
C GLY A 67 10.07 -6.38 8.54
N GLN A 68 11.16 -6.67 9.25
CA GLN A 68 12.08 -7.79 8.93
C GLN A 68 12.86 -7.58 7.61
N GLY A 69 12.28 -6.84 6.69
CA GLY A 69 12.94 -6.57 5.43
C GLY A 69 12.23 -5.49 4.66
N GLY A 70 12.55 -5.36 3.39
CA GLY A 70 11.94 -4.35 2.57
C GLY A 70 12.70 -3.06 2.60
N GLY A 71 12.75 -2.38 1.47
CA GLY A 71 13.48 -1.14 1.38
C GLY A 71 14.37 -1.10 0.18
N GLY A 72 15.50 -1.78 0.25
CA GLY A 72 16.43 -1.81 -0.85
C GLY A 72 16.94 -0.41 -1.20
N SER A 1 -10.51 -2.72 1.95
CA SER A 1 -11.10 -3.24 0.69
C SER A 1 -12.21 -2.33 0.16
N GLY A 2 -12.58 -1.34 0.97
CA GLY A 2 -13.60 -0.40 0.58
C GLY A 2 -13.06 0.64 -0.38
N GLY A 3 -13.94 1.27 -1.15
CA GLY A 3 -13.49 2.26 -2.09
C GLY A 3 -12.94 3.49 -1.42
N HIS A 4 -13.74 4.09 -0.57
CA HIS A 4 -13.30 5.25 0.20
C HIS A 4 -12.47 4.81 1.43
N PRO A 5 -12.96 3.81 2.23
CA PRO A 5 -12.25 3.35 3.43
C PRO A 5 -11.02 2.49 3.11
N LEU A 6 -9.97 3.14 2.62
CA LEU A 6 -8.70 2.47 2.34
C LEU A 6 -8.10 1.94 3.64
N GLU A 7 -8.46 2.58 4.75
CA GLU A 7 -7.96 2.19 6.07
C GLU A 7 -8.25 0.71 6.37
N PHE A 8 -9.31 0.18 5.80
CA PHE A 8 -9.66 -1.24 5.96
C PHE A 8 -8.69 -2.10 5.16
N LEU A 9 -8.15 -1.52 4.10
CA LEU A 9 -7.21 -2.19 3.23
C LEU A 9 -5.86 -2.11 3.89
N ARG A 10 -5.65 -0.98 4.53
CA ARG A 10 -4.47 -0.64 5.27
C ARG A 10 -4.09 -1.73 6.28
N ASN A 11 -5.08 -2.24 6.98
CA ASN A 11 -4.85 -3.22 8.03
C ASN A 11 -4.67 -4.62 7.46
N GLN A 12 -4.80 -4.76 6.17
CA GLN A 12 -4.61 -6.03 5.51
C GLN A 12 -3.13 -6.24 5.15
N PRO A 13 -2.63 -7.48 5.28
CA PRO A 13 -1.22 -7.84 5.05
C PRO A 13 -0.68 -7.35 3.70
N GLN A 14 -1.53 -7.37 2.69
CA GLN A 14 -1.16 -6.92 1.35
C GLN A 14 -0.67 -5.47 1.37
N PHE A 15 -1.33 -4.64 2.14
CA PHE A 15 -0.99 -3.23 2.25
C PHE A 15 0.18 -3.02 3.19
N GLN A 16 0.28 -3.87 4.22
CA GLN A 16 1.37 -3.78 5.21
C GLN A 16 2.72 -3.77 4.51
N GLN A 17 2.85 -4.66 3.52
CA GLN A 17 4.05 -4.77 2.71
C GLN A 17 4.39 -3.44 2.04
N MET A 18 3.37 -2.73 1.59
CA MET A 18 3.55 -1.46 0.92
C MET A 18 3.91 -0.35 1.90
N ARG A 19 3.21 -0.31 3.03
CA ARG A 19 3.42 0.74 4.03
C ARG A 19 4.83 0.68 4.59
N GLN A 20 5.27 -0.51 4.95
CA GLN A 20 6.59 -0.70 5.53
C GLN A 20 7.70 -0.23 4.58
N ILE A 21 7.55 -0.53 3.30
CA ILE A 21 8.54 -0.14 2.33
C ILE A 21 8.46 1.35 2.01
N ILE A 22 7.25 1.90 2.00
CA ILE A 22 7.03 3.34 1.73
C ILE A 22 7.77 4.21 2.73
N GLN A 23 7.74 3.81 3.98
CA GLN A 23 8.38 4.55 5.04
C GLN A 23 9.89 4.59 4.85
N GLN A 24 10.37 3.68 4.01
CA GLN A 24 11.78 3.62 3.65
C GLN A 24 11.99 4.21 2.26
N ASN A 25 11.03 4.00 1.37
CA ASN A 25 11.09 4.46 -0.01
C ASN A 25 9.74 4.99 -0.46
N PRO A 26 9.49 6.29 -0.31
CA PRO A 26 8.22 6.90 -0.74
C PRO A 26 8.08 6.98 -2.27
N SER A 27 9.22 6.94 -2.96
CA SER A 27 9.23 7.02 -4.43
C SER A 27 8.85 5.67 -5.05
N LEU A 28 8.68 4.66 -4.21
CA LEU A 28 8.35 3.33 -4.68
C LEU A 28 6.84 3.12 -4.75
N LEU A 29 6.10 4.20 -4.55
CA LEU A 29 4.63 4.19 -4.61
C LEU A 29 4.13 3.56 -5.94
N PRO A 30 4.59 4.06 -7.11
CA PRO A 30 4.16 3.53 -8.41
C PRO A 30 4.65 2.09 -8.62
N ALA A 31 5.70 1.73 -7.91
CA ALA A 31 6.28 0.40 -8.01
C ALA A 31 5.45 -0.61 -7.23
N LEU A 32 5.11 -0.26 -5.99
CA LEU A 32 4.31 -1.12 -5.14
C LEU A 32 2.92 -1.32 -5.71
N LEU A 33 2.41 -0.29 -6.40
CA LEU A 33 1.12 -0.37 -7.05
C LEU A 33 1.10 -1.53 -8.06
N GLN A 34 2.21 -1.69 -8.75
CA GLN A 34 2.35 -2.77 -9.72
C GLN A 34 2.36 -4.12 -9.02
N GLN A 35 2.81 -4.11 -7.76
CA GLN A 35 2.85 -5.33 -6.98
C GLN A 35 1.44 -5.71 -6.55
N ILE A 36 0.58 -4.71 -6.44
CA ILE A 36 -0.81 -4.94 -6.14
C ILE A 36 -1.51 -5.48 -7.38
N GLY A 37 -1.28 -4.82 -8.51
CA GLY A 37 -1.90 -5.22 -9.75
C GLY A 37 -1.51 -6.63 -10.19
N ARG A 38 -0.30 -7.06 -9.82
CA ARG A 38 0.19 -8.40 -10.20
C ARG A 38 -0.62 -9.50 -9.51
N GLU A 39 -1.28 -9.16 -8.42
CA GLU A 39 -2.10 -10.13 -7.71
C GLU A 39 -3.55 -9.70 -7.67
N ASN A 40 -3.79 -8.45 -7.98
CA ASN A 40 -5.11 -7.91 -7.88
C ASN A 40 -5.33 -6.75 -8.83
N PRO A 41 -5.64 -7.03 -10.10
CA PRO A 41 -5.90 -5.98 -11.09
C PRO A 41 -7.15 -5.19 -10.71
N GLN A 42 -8.09 -5.87 -10.06
CA GLN A 42 -9.33 -5.26 -9.63
C GLN A 42 -9.07 -4.27 -8.50
N LEU A 43 -8.34 -4.71 -7.48
CA LEU A 43 -8.00 -3.85 -6.36
C LEU A 43 -7.11 -2.71 -6.82
N LEU A 44 -6.21 -3.01 -7.76
CA LEU A 44 -5.30 -2.02 -8.33
C LEU A 44 -6.08 -0.83 -8.89
N GLN A 45 -7.06 -1.12 -9.73
CA GLN A 45 -7.87 -0.07 -10.35
C GLN A 45 -8.62 0.72 -9.30
N GLN A 46 -9.01 0.04 -8.24
CA GLN A 46 -9.71 0.66 -7.13
C GLN A 46 -8.77 1.62 -6.40
N ILE A 47 -7.52 1.23 -6.30
CA ILE A 47 -6.49 2.03 -5.66
C ILE A 47 -6.08 3.19 -6.56
N SER A 48 -5.98 2.93 -7.85
CA SER A 48 -5.63 3.96 -8.83
C SER A 48 -6.70 5.06 -8.84
N GLN A 49 -7.90 4.69 -8.42
CA GLN A 49 -9.01 5.62 -8.32
C GLN A 49 -8.93 6.40 -7.01
N HIS A 50 -8.30 5.81 -6.02
CA HIS A 50 -8.24 6.39 -4.69
C HIS A 50 -6.79 6.50 -4.20
N GLN A 51 -5.91 6.99 -5.07
CA GLN A 51 -4.48 7.09 -4.79
C GLN A 51 -4.18 8.06 -3.66
N GLU A 52 -4.88 9.18 -3.65
CA GLU A 52 -4.66 10.22 -2.65
C GLU A 52 -4.69 9.67 -1.23
N HIS A 53 -5.75 8.95 -0.91
CA HIS A 53 -5.89 8.34 0.43
C HIS A 53 -4.82 7.28 0.64
N PHE A 54 -4.55 6.53 -0.41
CA PHE A 54 -3.60 5.43 -0.38
C PHE A 54 -2.21 5.90 0.07
N ILE A 55 -1.72 6.93 -0.60
CA ILE A 55 -0.38 7.47 -0.33
C ILE A 55 -0.28 8.03 1.07
N GLN A 56 -1.35 8.65 1.55
CA GLN A 56 -1.38 9.26 2.87
C GLN A 56 -1.18 8.24 3.97
N MET A 57 -1.93 7.15 3.90
CA MET A 57 -1.81 6.09 4.91
C MET A 57 -0.53 5.30 4.75
N LEU A 58 -0.03 5.22 3.54
CA LEU A 58 1.25 4.56 3.28
C LEU A 58 2.37 5.31 4.01
N ASN A 59 2.27 6.62 3.99
CA ASN A 59 3.28 7.49 4.57
C ASN A 59 3.14 7.62 6.07
N GLU A 60 2.00 7.26 6.61
CA GLU A 60 1.78 7.40 8.02
C GLU A 60 2.50 6.30 8.81
N PRO A 61 2.89 6.61 10.06
CA PRO A 61 3.61 5.70 10.93
C PRO A 61 2.84 4.39 11.15
N VAL A 62 3.56 3.29 11.19
CA VAL A 62 2.95 1.98 11.39
C VAL A 62 3.55 1.30 12.61
N GLN A 63 2.78 0.42 13.24
CA GLN A 63 3.24 -0.30 14.42
C GLN A 63 4.48 -1.13 14.10
N GLU A 64 4.33 -2.08 13.19
CA GLU A 64 5.44 -2.93 12.80
C GLU A 64 5.87 -2.64 11.37
N ALA A 65 7.16 -2.72 11.14
CA ALA A 65 7.73 -2.46 9.82
C ALA A 65 7.84 -3.75 9.01
N GLY A 66 7.10 -4.76 9.43
CA GLY A 66 7.10 -6.02 8.73
C GLY A 66 8.26 -6.90 9.11
N GLY A 67 8.51 -7.92 8.31
CA GLY A 67 9.61 -8.82 8.58
C GLY A 67 10.47 -9.09 7.37
N GLN A 68 9.97 -8.73 6.20
CA GLN A 68 10.72 -8.96 4.96
C GLN A 68 11.59 -7.76 4.62
N GLY A 69 11.39 -6.66 5.35
CA GLY A 69 12.13 -5.44 5.06
C GLY A 69 11.58 -4.73 3.84
N GLY A 70 11.78 -5.32 2.68
CA GLY A 70 11.29 -4.76 1.43
C GLY A 70 12.15 -3.62 0.92
N GLY A 71 12.26 -2.57 1.70
CA GLY A 71 13.06 -1.43 1.32
C GLY A 71 14.54 -1.67 1.57
N GLY A 72 15.01 -1.25 2.73
CA GLY A 72 16.40 -1.41 3.05
C GLY A 72 17.30 -0.56 2.17
N SER A 1 -14.18 -4.47 1.13
CA SER A 1 -14.94 -4.42 -0.15
C SER A 1 -15.55 -3.03 -0.36
N GLY A 2 -14.93 -2.01 0.22
CA GLY A 2 -15.44 -0.66 0.09
C GLY A 2 -14.58 0.20 -0.84
N GLY A 3 -15.23 0.92 -1.77
CA GLY A 3 -14.50 1.75 -2.70
C GLY A 3 -13.77 2.90 -2.02
N HIS A 4 -14.51 3.70 -1.25
CA HIS A 4 -13.92 4.82 -0.51
C HIS A 4 -13.18 4.35 0.76
N PRO A 5 -13.74 3.42 1.61
CA PRO A 5 -13.04 2.94 2.83
C PRO A 5 -11.75 2.17 2.51
N LEU A 6 -10.67 2.90 2.29
CA LEU A 6 -9.37 2.33 2.00
C LEU A 6 -8.71 1.83 3.28
N GLU A 7 -9.11 2.44 4.42
CA GLU A 7 -8.56 2.08 5.74
C GLU A 7 -8.72 0.59 6.06
N PHE A 8 -9.75 -0.04 5.50
CA PHE A 8 -9.97 -1.46 5.69
C PHE A 8 -8.78 -2.24 5.14
N LEU A 9 -8.24 -1.75 4.04
CA LEU A 9 -7.10 -2.37 3.37
C LEU A 9 -5.85 -2.27 4.25
N ARG A 10 -5.81 -1.25 5.11
CA ARG A 10 -4.67 -1.04 6.00
C ARG A 10 -4.53 -2.19 6.99
N ASN A 11 -5.63 -2.87 7.26
CA ASN A 11 -5.65 -3.98 8.20
C ASN A 11 -5.16 -5.26 7.56
N GLN A 12 -5.02 -5.24 6.24
CA GLN A 12 -4.53 -6.42 5.52
C GLN A 12 -3.00 -6.44 5.50
N PRO A 13 -2.41 -7.65 5.57
CA PRO A 13 -0.95 -7.81 5.56
C PRO A 13 -0.32 -7.47 4.21
N GLN A 14 -1.11 -7.60 3.14
CA GLN A 14 -0.61 -7.30 1.80
C GLN A 14 -0.26 -5.82 1.68
N PHE A 15 -1.05 -4.99 2.37
CA PHE A 15 -0.84 -3.56 2.39
C PHE A 15 0.38 -3.20 3.24
N GLN A 16 0.59 -3.99 4.30
CA GLN A 16 1.71 -3.79 5.21
C GLN A 16 3.03 -3.87 4.47
N GLN A 17 3.09 -4.74 3.47
CA GLN A 17 4.28 -4.92 2.63
C GLN A 17 4.63 -3.59 1.95
N MET A 18 3.61 -2.92 1.44
CA MET A 18 3.79 -1.65 0.75
C MET A 18 4.10 -0.52 1.74
N ARG A 19 3.45 -0.55 2.91
CA ARG A 19 3.63 0.50 3.91
C ARG A 19 5.04 0.49 4.51
N GLN A 20 5.54 -0.70 4.85
CA GLN A 20 6.86 -0.81 5.46
C GLN A 20 7.99 -0.31 4.56
N ILE A 21 7.87 -0.56 3.27
CA ILE A 21 8.90 -0.13 2.33
C ILE A 21 8.81 1.36 2.04
N ILE A 22 7.59 1.91 2.07
CA ILE A 22 7.37 3.34 1.81
C ILE A 22 8.13 4.26 2.76
N GLN A 23 8.20 3.86 4.03
CA GLN A 23 8.87 4.65 5.07
C GLN A 23 10.35 4.88 4.73
N GLN A 24 10.93 3.96 3.97
CA GLN A 24 12.33 4.06 3.56
C GLN A 24 12.45 4.50 2.10
N ASN A 25 11.45 4.11 1.32
CA ASN A 25 11.41 4.40 -0.12
C ASN A 25 10.08 5.02 -0.55
N PRO A 26 9.86 6.34 -0.35
CA PRO A 26 8.61 6.99 -0.72
C PRO A 26 8.45 7.10 -2.24
N SER A 27 9.57 7.04 -2.95
CA SER A 27 9.58 7.12 -4.40
C SER A 27 9.21 5.77 -5.01
N LEU A 28 9.05 4.76 -4.16
CA LEU A 28 8.71 3.41 -4.58
C LEU A 28 7.20 3.24 -4.67
N LEU A 29 6.48 4.36 -4.52
CA LEU A 29 5.01 4.38 -4.60
C LEU A 29 4.49 3.75 -5.92
N PRO A 30 5.01 4.14 -7.12
CA PRO A 30 4.53 3.54 -8.37
C PRO A 30 4.90 2.07 -8.46
N ALA A 31 6.00 1.71 -7.80
CA ALA A 31 6.48 0.33 -7.80
C ALA A 31 5.56 -0.61 -7.03
N LEU A 32 5.16 -0.21 -5.82
CA LEU A 32 4.28 -1.06 -5.00
C LEU A 32 2.90 -1.20 -5.63
N LEU A 33 2.47 -0.15 -6.33
CA LEU A 33 1.19 -0.16 -7.00
C LEU A 33 1.13 -1.28 -8.03
N GLN A 34 2.26 -1.50 -8.69
CA GLN A 34 2.37 -2.55 -9.68
C GLN A 34 2.22 -3.92 -9.01
N GLN A 35 2.74 -4.02 -7.79
CA GLN A 35 2.69 -5.27 -7.03
C GLN A 35 1.24 -5.58 -6.70
N ILE A 36 0.45 -4.54 -6.49
CA ILE A 36 -0.95 -4.71 -6.17
C ILE A 36 -1.69 -5.31 -7.36
N GLY A 37 -1.39 -4.79 -8.55
CA GLY A 37 -2.02 -5.28 -9.77
C GLY A 37 -1.76 -6.74 -10.05
N ARG A 38 -0.55 -7.21 -9.76
CA ARG A 38 -0.17 -8.59 -10.04
C ARG A 38 -1.00 -9.59 -9.23
N GLU A 39 -1.52 -9.16 -8.08
CA GLU A 39 -2.32 -10.04 -7.23
C GLU A 39 -3.80 -9.71 -7.33
N ASN A 40 -4.10 -8.43 -7.36
CA ASN A 40 -5.48 -7.94 -7.44
C ASN A 40 -5.63 -6.88 -8.52
N PRO A 41 -5.79 -7.26 -9.81
CA PRO A 41 -5.94 -6.27 -10.87
C PRO A 41 -7.20 -5.44 -10.70
N GLN A 42 -8.26 -6.04 -10.15
CA GLN A 42 -9.51 -5.33 -9.92
C GLN A 42 -9.37 -4.29 -8.81
N LEU A 43 -8.67 -4.65 -7.74
CA LEU A 43 -8.47 -3.74 -6.61
C LEU A 43 -7.53 -2.62 -7.02
N LEU A 44 -6.53 -2.97 -7.81
CA LEU A 44 -5.54 -2.01 -8.30
C LEU A 44 -6.19 -0.84 -9.05
N GLN A 45 -7.18 -1.17 -9.88
CA GLN A 45 -7.89 -0.16 -10.65
C GLN A 45 -8.62 0.82 -9.73
N GLN A 46 -9.18 0.31 -8.63
CA GLN A 46 -9.91 1.16 -7.69
C GLN A 46 -8.94 2.05 -6.89
N ILE A 47 -7.73 1.54 -6.66
CA ILE A 47 -6.71 2.29 -5.93
C ILE A 47 -6.29 3.53 -6.70
N SER A 48 -6.20 3.41 -8.03
CA SER A 48 -5.81 4.51 -8.90
C SER A 48 -6.79 5.68 -8.72
N GLN A 49 -8.06 5.33 -8.56
CA GLN A 49 -9.11 6.32 -8.35
C GLN A 49 -8.88 7.09 -7.05
N HIS A 50 -8.42 6.38 -6.03
CA HIS A 50 -8.19 6.99 -4.72
C HIS A 50 -6.72 6.94 -4.33
N GLN A 51 -5.86 7.42 -5.23
CA GLN A 51 -4.42 7.45 -4.98
C GLN A 51 -4.07 8.34 -3.79
N GLU A 52 -4.79 9.47 -3.66
CA GLU A 52 -4.54 10.42 -2.58
C GLU A 52 -4.72 9.78 -1.21
N HIS A 53 -5.79 9.04 -1.05
CA HIS A 53 -6.06 8.36 0.21
C HIS A 53 -5.04 7.26 0.45
N PHE A 54 -4.67 6.58 -0.63
CA PHE A 54 -3.72 5.49 -0.57
C PHE A 54 -2.33 5.96 -0.11
N ILE A 55 -1.90 7.10 -0.65
CA ILE A 55 -0.60 7.67 -0.33
C ILE A 55 -0.53 8.16 1.11
N GLN A 56 -1.62 8.77 1.59
CA GLN A 56 -1.68 9.32 2.94
C GLN A 56 -1.45 8.26 4.00
N MET A 57 -2.05 7.09 3.82
CA MET A 57 -1.88 6.00 4.77
C MET A 57 -0.51 5.33 4.59
N LEU A 58 -0.01 5.33 3.37
CA LEU A 58 1.30 4.75 3.09
C LEU A 58 2.41 5.55 3.75
N ASN A 59 2.25 6.87 3.76
CA ASN A 59 3.26 7.78 4.33
C ASN A 59 3.22 7.79 5.83
N GLU A 60 2.10 7.37 6.40
CA GLU A 60 1.96 7.33 7.85
C GLU A 60 2.82 6.19 8.41
N PRO A 61 3.28 6.30 9.67
CA PRO A 61 4.13 5.28 10.29
C PRO A 61 3.37 4.01 10.64
N VAL A 62 4.10 2.92 10.82
CA VAL A 62 3.50 1.63 11.15
C VAL A 62 4.00 1.13 12.50
N GLN A 63 3.12 0.45 13.24
CA GLN A 63 3.47 -0.10 14.55
C GLN A 63 4.58 -1.14 14.43
N GLU A 64 4.49 -1.97 13.38
CA GLU A 64 5.48 -3.01 13.15
C GLU A 64 6.20 -2.80 11.83
N ALA A 65 7.51 -2.61 11.89
CA ALA A 65 8.32 -2.42 10.69
C ALA A 65 8.27 -3.64 9.77
N GLY A 66 8.30 -4.81 10.38
CA GLY A 66 8.26 -6.05 9.62
C GLY A 66 9.55 -6.84 9.74
N GLY A 67 9.41 -8.17 9.81
CA GLY A 67 10.57 -9.04 9.93
C GLY A 67 11.50 -8.95 8.74
N GLN A 68 10.92 -8.85 7.54
CA GLN A 68 11.69 -8.76 6.31
C GLN A 68 12.52 -7.47 6.26
N GLY A 69 12.05 -6.44 6.96
CA GLY A 69 12.77 -5.17 6.99
C GLY A 69 12.35 -4.22 5.88
N GLY A 70 11.56 -4.74 4.93
CA GLY A 70 11.10 -3.93 3.82
C GLY A 70 12.24 -3.41 2.96
N GLY A 71 12.22 -2.11 2.69
CA GLY A 71 13.26 -1.50 1.88
C GLY A 71 14.60 -1.45 2.60
N GLY A 72 15.66 -1.20 1.84
CA GLY A 72 16.98 -1.13 2.44
C GLY A 72 17.73 -2.44 2.33
N SER A 1 -17.57 -4.37 2.97
CA SER A 1 -16.38 -3.58 2.55
C SER A 1 -16.70 -2.69 1.36
N GLY A 2 -15.75 -1.83 1.00
CA GLY A 2 -15.96 -0.93 -0.12
C GLY A 2 -14.65 -0.38 -0.66
N GLY A 3 -14.69 0.18 -1.87
CA GLY A 3 -13.49 0.73 -2.47
C GLY A 3 -12.90 1.90 -1.69
N HIS A 4 -13.76 2.82 -1.25
CA HIS A 4 -13.28 4.00 -0.50
C HIS A 4 -12.63 3.64 0.86
N PRO A 5 -13.25 2.79 1.74
CA PRO A 5 -12.64 2.42 3.05
C PRO A 5 -11.30 1.68 2.93
N LEU A 6 -10.24 2.46 2.74
CA LEU A 6 -8.88 1.94 2.63
C LEU A 6 -8.40 1.44 3.99
N GLU A 7 -9.00 1.99 5.06
CA GLU A 7 -8.65 1.62 6.43
C GLU A 7 -8.82 0.11 6.63
N PHE A 8 -9.87 -0.43 6.03
CA PHE A 8 -10.10 -1.86 6.06
C PHE A 8 -8.95 -2.57 5.35
N LEU A 9 -8.57 -2.01 4.20
CA LEU A 9 -7.49 -2.55 3.37
C LEU A 9 -6.14 -2.57 4.08
N ARG A 10 -5.79 -1.48 4.78
CA ARG A 10 -4.50 -1.39 5.46
C ARG A 10 -4.32 -2.43 6.57
N ASN A 11 -5.42 -3.07 7.00
CA ASN A 11 -5.34 -4.09 8.03
C ASN A 11 -4.89 -5.41 7.42
N GLN A 12 -4.87 -5.48 6.09
CA GLN A 12 -4.44 -6.67 5.38
C GLN A 12 -2.91 -6.74 5.31
N PRO A 13 -2.33 -7.95 5.36
CA PRO A 13 -0.87 -8.13 5.31
C PRO A 13 -0.24 -7.69 4.00
N GLN A 14 -1.01 -7.75 2.91
CA GLN A 14 -0.51 -7.35 1.61
C GLN A 14 -0.18 -5.86 1.59
N PHE A 15 -1.01 -5.07 2.26
CA PHE A 15 -0.81 -3.63 2.35
C PHE A 15 0.38 -3.32 3.25
N GLN A 16 0.57 -4.15 4.27
CA GLN A 16 1.68 -3.99 5.22
C GLN A 16 3.02 -4.05 4.49
N GLN A 17 3.07 -4.90 3.46
CA GLN A 17 4.26 -5.05 2.62
C GLN A 17 4.61 -3.71 1.99
N MET A 18 3.60 -3.01 1.49
CA MET A 18 3.77 -1.72 0.86
C MET A 18 4.08 -0.61 1.87
N ARG A 19 3.40 -0.66 3.01
CA ARG A 19 3.55 0.37 4.05
C ARG A 19 4.95 0.39 4.65
N GLN A 20 5.52 -0.78 4.89
CA GLN A 20 6.85 -0.87 5.49
C GLN A 20 7.95 -0.33 4.57
N ILE A 21 7.82 -0.59 3.28
CA ILE A 21 8.81 -0.14 2.32
C ILE A 21 8.66 1.35 2.01
N ILE A 22 7.43 1.86 2.05
CA ILE A 22 7.14 3.26 1.75
C ILE A 22 7.89 4.24 2.65
N GLN A 23 8.02 3.90 3.92
CA GLN A 23 8.69 4.75 4.89
C GLN A 23 10.15 5.00 4.49
N GLN A 24 10.78 3.99 3.92
CA GLN A 24 12.16 4.10 3.48
C GLN A 24 12.24 4.52 2.01
N ASN A 25 11.22 4.12 1.24
CA ASN A 25 11.15 4.40 -0.20
C ASN A 25 9.78 4.96 -0.60
N PRO A 26 9.53 6.27 -0.41
CA PRO A 26 8.24 6.87 -0.79
C PRO A 26 8.08 6.99 -2.30
N SER A 27 9.21 6.98 -3.00
CA SER A 27 9.22 7.06 -4.47
C SER A 27 8.90 5.71 -5.10
N LEU A 28 8.80 4.69 -4.25
CA LEU A 28 8.50 3.33 -4.68
C LEU A 28 6.99 3.11 -4.78
N LEU A 29 6.24 4.21 -4.63
CA LEU A 29 4.78 4.19 -4.69
C LEU A 29 4.28 3.53 -6.01
N PRO A 30 4.75 3.93 -7.22
CA PRO A 30 4.28 3.29 -8.45
C PRO A 30 4.74 1.84 -8.53
N ALA A 31 5.91 1.56 -7.97
CA ALA A 31 6.47 0.21 -7.96
C ALA A 31 5.59 -0.76 -7.16
N LEU A 32 5.17 -0.34 -5.98
CA LEU A 32 4.33 -1.20 -5.14
C LEU A 32 2.95 -1.38 -5.77
N LEU A 33 2.49 -0.33 -6.47
CA LEU A 33 1.18 -0.37 -7.13
C LEU A 33 1.15 -1.49 -8.14
N GLN A 34 2.28 -1.68 -8.82
CA GLN A 34 2.41 -2.73 -9.81
C GLN A 34 2.27 -4.08 -9.12
N GLN A 35 2.79 -4.17 -7.91
CA GLN A 35 2.73 -5.39 -7.11
C GLN A 35 1.28 -5.66 -6.72
N ILE A 36 0.54 -4.60 -6.47
CA ILE A 36 -0.85 -4.73 -6.11
C ILE A 36 -1.65 -5.31 -7.27
N GLY A 37 -1.35 -4.83 -8.47
CA GLY A 37 -2.03 -5.32 -9.66
C GLY A 37 -1.83 -6.80 -9.94
N ARG A 38 -0.62 -7.29 -9.68
CA ARG A 38 -0.30 -8.70 -9.95
C ARG A 38 -1.14 -9.66 -9.11
N GLU A 39 -1.60 -9.20 -7.95
CA GLU A 39 -2.41 -10.05 -7.08
C GLU A 39 -3.88 -9.64 -7.10
N ASN A 40 -4.12 -8.33 -7.11
CA ASN A 40 -5.46 -7.78 -7.12
C ASN A 40 -5.63 -6.70 -8.19
N PRO A 41 -5.89 -7.05 -9.46
CA PRO A 41 -6.05 -6.03 -10.50
C PRO A 41 -7.28 -5.17 -10.25
N GLN A 42 -8.31 -5.77 -9.64
CA GLN A 42 -9.54 -5.03 -9.32
C GLN A 42 -9.27 -3.97 -8.25
N LEU A 43 -8.50 -4.34 -7.24
CA LEU A 43 -8.14 -3.42 -6.16
C LEU A 43 -7.26 -2.31 -6.69
N LEU A 44 -6.34 -2.71 -7.58
CA LEU A 44 -5.40 -1.79 -8.20
C LEU A 44 -6.10 -0.65 -8.93
N GLN A 45 -7.10 -1.00 -9.72
CA GLN A 45 -7.85 -0.04 -10.50
C GLN A 45 -8.55 0.96 -9.59
N GLN A 46 -9.03 0.48 -8.46
CA GLN A 46 -9.73 1.35 -7.50
C GLN A 46 -8.71 2.25 -6.79
N ILE A 47 -7.50 1.74 -6.58
CA ILE A 47 -6.44 2.50 -5.92
C ILE A 47 -6.01 3.71 -6.76
N SER A 48 -5.91 3.52 -8.08
CA SER A 48 -5.52 4.60 -8.98
C SER A 48 -6.53 5.75 -8.90
N GLN A 49 -7.79 5.39 -8.67
CA GLN A 49 -8.85 6.36 -8.53
C GLN A 49 -8.65 7.23 -7.30
N HIS A 50 -8.18 6.61 -6.22
CA HIS A 50 -7.96 7.33 -4.97
C HIS A 50 -6.50 7.23 -4.52
N GLN A 51 -5.61 7.69 -5.40
CA GLN A 51 -4.17 7.66 -5.10
C GLN A 51 -3.82 8.54 -3.92
N GLU A 52 -4.47 9.70 -3.82
CA GLU A 52 -4.20 10.65 -2.73
C GLU A 52 -4.47 10.03 -1.36
N HIS A 53 -5.60 9.36 -1.24
CA HIS A 53 -5.95 8.68 0.01
C HIS A 53 -4.98 7.56 0.29
N PHE A 54 -4.62 6.85 -0.78
CA PHE A 54 -3.72 5.71 -0.69
C PHE A 54 -2.35 6.11 -0.15
N ILE A 55 -1.84 7.21 -0.66
CA ILE A 55 -0.54 7.75 -0.27
C ILE A 55 -0.51 8.19 1.18
N GLN A 56 -1.61 8.80 1.64
CA GLN A 56 -1.71 9.31 2.99
C GLN A 56 -1.55 8.21 4.05
N MET A 57 -2.15 7.06 3.82
CA MET A 57 -2.02 5.94 4.78
C MET A 57 -0.63 5.36 4.70
N LEU A 58 -0.13 5.27 3.48
CA LEU A 58 1.21 4.73 3.22
C LEU A 58 2.28 5.55 3.92
N ASN A 59 2.12 6.86 3.95
CA ASN A 59 3.08 7.74 4.58
C ASN A 59 2.87 7.78 6.10
N GLU A 60 1.81 7.14 6.57
CA GLU A 60 1.51 7.07 8.00
C GLU A 60 2.29 5.93 8.65
N PRO A 61 2.53 6.01 9.99
CA PRO A 61 3.22 4.95 10.75
C PRO A 61 2.57 3.58 10.58
N VAL A 62 3.38 2.53 10.65
CA VAL A 62 2.86 1.17 10.50
C VAL A 62 2.81 0.43 11.83
N GLN A 63 1.77 -0.38 11.99
CA GLN A 63 1.57 -1.14 13.21
C GLN A 63 2.70 -2.15 13.41
N GLU A 64 3.10 -2.80 12.33
CA GLU A 64 4.17 -3.79 12.37
C GLU A 64 4.91 -3.86 11.05
N ALA A 65 6.24 -3.91 11.11
CA ALA A 65 7.04 -3.98 9.90
C ALA A 65 8.00 -5.17 9.95
N GLY A 66 8.09 -5.90 8.84
CA GLY A 66 8.96 -7.06 8.78
C GLY A 66 8.76 -7.88 7.52
N GLY A 67 9.52 -8.96 7.40
CA GLY A 67 9.41 -9.82 6.24
C GLY A 67 10.74 -10.42 5.84
N GLN A 68 10.75 -11.17 4.73
CA GLN A 68 11.96 -11.80 4.24
C GLN A 68 12.99 -10.76 3.84
N GLY A 69 12.54 -9.69 3.20
CA GLY A 69 13.43 -8.63 2.78
C GLY A 69 12.70 -7.51 2.06
N GLY A 70 13.45 -6.49 1.63
CA GLY A 70 12.85 -5.37 0.93
C GLY A 70 13.21 -4.05 1.55
N GLY A 71 12.59 -2.97 1.05
CA GLY A 71 12.86 -1.64 1.56
C GLY A 71 14.31 -1.22 1.38
N GLY A 72 14.91 -0.71 2.45
CA GLY A 72 16.30 -0.28 2.39
C GLY A 72 17.22 -1.21 3.13
N SER A 1 -11.98 -3.03 1.86
CA SER A 1 -13.17 -3.52 1.09
C SER A 1 -13.90 -2.36 0.42
N GLY A 2 -13.32 -1.17 0.50
CA GLY A 2 -13.92 -0.01 -0.10
C GLY A 2 -12.89 0.97 -0.58
N GLY A 3 -13.31 1.89 -1.44
CA GLY A 3 -12.41 2.88 -1.98
C GLY A 3 -11.99 3.91 -0.97
N HIS A 4 -12.95 4.48 -0.28
CA HIS A 4 -12.68 5.46 0.75
C HIS A 4 -12.22 4.79 2.07
N PRO A 5 -12.87 3.65 2.51
CA PRO A 5 -12.47 2.90 3.73
C PRO A 5 -11.11 2.20 3.61
N LEU A 6 -10.14 2.90 3.03
CA LEU A 6 -8.77 2.40 2.89
C LEU A 6 -8.15 2.10 4.24
N GLU A 7 -8.65 2.77 5.28
CA GLU A 7 -8.21 2.54 6.65
C GLU A 7 -8.34 1.05 7.01
N PHE A 8 -9.30 0.37 6.40
CA PHE A 8 -9.47 -1.06 6.60
C PHE A 8 -8.43 -1.82 5.77
N LEU A 9 -8.22 -1.37 4.53
CA LEU A 9 -7.28 -2.01 3.61
C LEU A 9 -5.86 -1.93 4.16
N ARG A 10 -5.51 -0.81 4.76
CA ARG A 10 -4.17 -0.59 5.29
C ARG A 10 -3.82 -1.58 6.41
N ASN A 11 -4.82 -2.29 6.91
CA ASN A 11 -4.62 -3.26 7.98
C ASN A 11 -4.36 -4.66 7.43
N GLN A 12 -4.50 -4.82 6.11
CA GLN A 12 -4.27 -6.11 5.47
C GLN A 12 -2.79 -6.29 5.11
N PRO A 13 -2.27 -7.54 5.25
CA PRO A 13 -0.85 -7.87 4.99
C PRO A 13 -0.36 -7.41 3.61
N GLN A 14 -1.24 -7.47 2.64
CA GLN A 14 -0.92 -7.02 1.27
C GLN A 14 -0.46 -5.57 1.29
N PHE A 15 -1.16 -4.76 2.07
CA PHE A 15 -0.84 -3.36 2.19
C PHE A 15 0.34 -3.16 3.15
N GLN A 16 0.44 -4.03 4.16
CA GLN A 16 1.53 -3.96 5.14
C GLN A 16 2.88 -3.98 4.42
N GLN A 17 2.97 -4.79 3.39
CA GLN A 17 4.17 -4.89 2.57
C GLN A 17 4.51 -3.53 1.94
N MET A 18 3.49 -2.85 1.48
CA MET A 18 3.66 -1.56 0.82
C MET A 18 3.99 -0.47 1.86
N ARG A 19 3.27 -0.51 2.97
CA ARG A 19 3.40 0.49 4.03
C ARG A 19 4.81 0.50 4.62
N GLN A 20 5.34 -0.69 4.89
CA GLN A 20 6.67 -0.82 5.49
C GLN A 20 7.76 -0.27 4.57
N ILE A 21 7.65 -0.53 3.29
CA ILE A 21 8.63 -0.07 2.34
C ILE A 21 8.47 1.43 2.06
N ILE A 22 7.23 1.91 2.03
CA ILE A 22 6.94 3.34 1.78
C ILE A 22 7.63 4.26 2.78
N GLN A 23 7.60 3.89 4.04
CA GLN A 23 8.21 4.69 5.08
C GLN A 23 9.70 4.90 4.82
N GLN A 24 10.27 3.95 4.13
CA GLN A 24 11.67 4.01 3.79
C GLN A 24 11.85 4.55 2.37
N ASN A 25 10.97 4.14 1.49
CA ASN A 25 11.03 4.51 0.08
C ASN A 25 9.67 5.01 -0.40
N PRO A 26 9.39 6.31 -0.26
CA PRO A 26 8.12 6.89 -0.71
C PRO A 26 8.04 6.97 -2.23
N SER A 27 9.19 6.95 -2.86
CA SER A 27 9.31 7.00 -4.31
C SER A 27 8.94 5.66 -4.96
N LEU A 28 8.66 4.68 -4.12
CA LEU A 28 8.31 3.34 -4.59
C LEU A 28 6.81 3.18 -4.73
N LEU A 29 6.08 4.29 -4.56
CA LEU A 29 4.62 4.28 -4.67
C LEU A 29 4.16 3.67 -6.01
N PRO A 30 4.65 4.17 -7.16
CA PRO A 30 4.23 3.65 -8.47
C PRO A 30 4.75 2.23 -8.71
N ALA A 31 5.81 1.87 -7.99
CA ALA A 31 6.40 0.55 -8.11
C ALA A 31 5.58 -0.48 -7.33
N LEU A 32 5.20 -0.14 -6.11
CA LEU A 32 4.42 -1.03 -5.27
C LEU A 32 3.03 -1.23 -5.86
N LEU A 33 2.51 -0.20 -6.53
CA LEU A 33 1.22 -0.29 -7.19
C LEU A 33 1.21 -1.42 -8.21
N GLN A 34 2.33 -1.58 -8.90
CA GLN A 34 2.48 -2.65 -9.88
C GLN A 34 2.37 -4.01 -9.19
N GLN A 35 2.84 -4.08 -7.95
CA GLN A 35 2.77 -5.29 -7.18
C GLN A 35 1.34 -5.57 -6.78
N ILE A 36 0.59 -4.53 -6.51
CA ILE A 36 -0.80 -4.68 -6.16
C ILE A 36 -1.56 -5.26 -7.34
N GLY A 37 -1.26 -4.75 -8.53
CA GLY A 37 -1.93 -5.22 -9.72
C GLY A 37 -1.64 -6.66 -10.05
N ARG A 38 -0.47 -7.17 -9.63
CA ARG A 38 -0.09 -8.55 -9.93
C ARG A 38 -0.80 -9.55 -9.02
N GLU A 39 -1.29 -9.06 -7.89
CA GLU A 39 -2.01 -9.93 -6.95
C GLU A 39 -3.50 -9.57 -6.89
N ASN A 40 -3.80 -8.29 -6.94
CA ASN A 40 -5.19 -7.80 -6.93
C ASN A 40 -5.41 -6.78 -8.03
N PRO A 41 -5.66 -7.24 -9.26
CA PRO A 41 -5.90 -6.35 -10.41
C PRO A 41 -7.15 -5.49 -10.22
N GLN A 42 -8.14 -6.06 -9.55
CA GLN A 42 -9.39 -5.34 -9.32
C GLN A 42 -9.20 -4.28 -8.24
N LEU A 43 -8.45 -4.64 -7.20
CA LEU A 43 -8.15 -3.71 -6.13
C LEU A 43 -7.28 -2.58 -6.67
N LEU A 44 -6.31 -2.95 -7.51
CA LEU A 44 -5.41 -1.98 -8.12
C LEU A 44 -6.17 -0.86 -8.83
N GLN A 45 -7.14 -1.23 -9.66
CA GLN A 45 -7.93 -0.27 -10.42
C GLN A 45 -8.65 0.70 -9.49
N GLN A 46 -9.11 0.18 -8.37
CA GLN A 46 -9.84 0.99 -7.42
C GLN A 46 -8.87 1.92 -6.67
N ILE A 47 -7.66 1.42 -6.45
CA ILE A 47 -6.61 2.18 -5.79
C ILE A 47 -6.16 3.34 -6.65
N SER A 48 -6.07 3.09 -7.95
CA SER A 48 -5.67 4.11 -8.91
C SER A 48 -6.62 5.31 -8.87
N GLN A 49 -7.87 5.05 -8.49
CA GLN A 49 -8.87 6.10 -8.37
C GLN A 49 -8.70 6.86 -7.05
N HIS A 50 -8.27 6.14 -6.03
CA HIS A 50 -8.16 6.69 -4.68
C HIS A 50 -6.70 6.78 -4.23
N GLN A 51 -5.81 7.12 -5.17
CA GLN A 51 -4.37 7.19 -4.90
C GLN A 51 -4.04 8.18 -3.79
N GLU A 52 -4.72 9.32 -3.80
CA GLU A 52 -4.47 10.39 -2.82
C GLU A 52 -4.56 9.84 -1.40
N HIS A 53 -5.66 9.16 -1.10
CA HIS A 53 -5.87 8.57 0.21
C HIS A 53 -4.91 7.41 0.45
N PHE A 54 -4.58 6.70 -0.63
CA PHE A 54 -3.71 5.53 -0.56
C PHE A 54 -2.32 5.89 -0.05
N ILE A 55 -1.74 6.91 -0.67
CA ILE A 55 -0.39 7.37 -0.35
C ILE A 55 -0.30 7.83 1.09
N GLN A 56 -1.39 8.40 1.59
CA GLN A 56 -1.45 8.88 2.96
C GLN A 56 -1.34 7.74 3.95
N MET A 57 -2.09 6.67 3.71
CA MET A 57 -2.04 5.48 4.58
C MET A 57 -0.68 4.90 4.53
N LEU A 58 -0.19 4.78 3.32
CA LEU A 58 1.11 4.23 3.04
C LEU A 58 2.22 4.93 3.82
N ASN A 59 2.13 6.24 3.92
CA ASN A 59 3.16 7.03 4.56
C ASN A 59 3.05 7.04 6.07
N GLU A 60 2.03 6.39 6.60
CA GLU A 60 1.83 6.31 8.02
C GLU A 60 2.65 5.17 8.62
N PRO A 61 3.03 5.32 9.90
CA PRO A 61 3.73 4.27 10.64
C PRO A 61 2.98 2.95 10.54
N VAL A 62 3.71 1.87 10.35
CA VAL A 62 3.09 0.56 10.22
C VAL A 62 2.99 -0.13 11.57
N GLN A 63 1.94 -0.90 11.73
CA GLN A 63 1.69 -1.66 12.93
C GLN A 63 2.83 -2.63 13.18
N GLU A 64 3.22 -3.34 12.15
CA GLU A 64 4.31 -4.27 12.22
C GLU A 64 4.81 -4.58 10.82
N ALA A 65 6.13 -4.62 10.66
CA ALA A 65 6.72 -4.91 9.37
C ALA A 65 6.67 -6.41 9.08
N GLY A 66 5.54 -6.86 8.58
CA GLY A 66 5.37 -8.25 8.25
C GLY A 66 5.73 -8.53 6.81
N GLY A 67 6.66 -9.44 6.61
CA GLY A 67 7.07 -9.78 5.27
C GLY A 67 8.43 -10.44 5.24
N GLN A 68 9.03 -10.50 4.07
CA GLN A 68 10.33 -11.12 3.90
C GLN A 68 11.43 -10.06 3.93
N GLY A 69 11.17 -8.94 3.29
CA GLY A 69 12.14 -7.88 3.25
C GLY A 69 11.66 -6.72 2.41
N GLY A 70 12.44 -5.66 2.38
CA GLY A 70 12.09 -4.50 1.61
C GLY A 70 12.31 -3.22 2.39
N GLY A 71 12.94 -2.26 1.77
CA GLY A 71 13.21 -1.00 2.42
C GLY A 71 14.43 -0.32 1.88
N GLY A 72 15.20 0.30 2.77
CA GLY A 72 16.39 1.02 2.36
C GLY A 72 17.59 0.10 2.21
N SER A 1 -19.10 3.32 -3.18
CA SER A 1 -19.11 1.96 -3.78
C SER A 1 -18.38 0.96 -2.86
N GLY A 2 -17.39 1.45 -2.14
CA GLY A 2 -16.61 0.60 -1.25
C GLY A 2 -15.12 0.86 -1.36
N GLY A 3 -14.75 1.63 -2.38
CA GLY A 3 -13.35 1.97 -2.58
C GLY A 3 -12.81 2.99 -1.59
N HIS A 4 -13.69 3.88 -1.13
CA HIS A 4 -13.28 4.94 -0.19
C HIS A 4 -12.82 4.40 1.18
N PRO A 5 -13.53 3.38 1.78
CA PRO A 5 -13.11 2.75 3.06
C PRO A 5 -11.74 2.05 2.96
N LEU A 6 -10.71 2.85 2.80
CA LEU A 6 -9.33 2.41 2.72
C LEU A 6 -8.79 2.05 4.08
N GLU A 7 -9.39 2.65 5.12
CA GLU A 7 -9.00 2.37 6.50
C GLU A 7 -9.06 0.87 6.78
N PHE A 8 -9.95 0.18 6.09
CA PHE A 8 -10.04 -1.27 6.19
C PHE A 8 -8.86 -1.92 5.47
N LEU A 9 -8.53 -1.40 4.30
CA LEU A 9 -7.44 -1.92 3.47
C LEU A 9 -6.09 -1.74 4.16
N ARG A 10 -5.95 -0.65 4.91
CA ARG A 10 -4.69 -0.34 5.60
C ARG A 10 -4.43 -1.32 6.74
N ASN A 11 -5.42 -2.12 7.07
CA ASN A 11 -5.28 -3.13 8.12
C ASN A 11 -4.89 -4.47 7.51
N GLN A 12 -4.89 -4.53 6.19
CA GLN A 12 -4.59 -5.76 5.47
C GLN A 12 -3.08 -5.94 5.25
N PRO A 13 -2.56 -7.16 5.52
CA PRO A 13 -1.13 -7.49 5.40
C PRO A 13 -0.52 -7.12 4.03
N GLN A 14 -1.28 -7.34 2.96
CA GLN A 14 -0.82 -6.99 1.60
C GLN A 14 -0.41 -5.52 1.51
N PHE A 15 -1.15 -4.67 2.20
CA PHE A 15 -0.89 -3.27 2.23
C PHE A 15 0.29 -2.96 3.14
N GLN A 16 0.47 -3.77 4.19
CA GLN A 16 1.57 -3.58 5.13
C GLN A 16 2.91 -3.72 4.41
N GLN A 17 2.94 -4.64 3.45
CA GLN A 17 4.11 -4.86 2.60
C GLN A 17 4.51 -3.56 1.91
N MET A 18 3.50 -2.83 1.46
CA MET A 18 3.70 -1.57 0.80
C MET A 18 4.07 -0.47 1.80
N ARG A 19 3.39 -0.49 2.95
CA ARG A 19 3.57 0.53 3.99
C ARG A 19 5.02 0.52 4.51
N GLN A 20 5.53 -0.67 4.83
CA GLN A 20 6.87 -0.81 5.40
C GLN A 20 7.95 -0.30 4.46
N ILE A 21 7.80 -0.56 3.17
CA ILE A 21 8.76 -0.10 2.21
C ILE A 21 8.60 1.39 1.93
N ILE A 22 7.35 1.87 1.95
CA ILE A 22 7.05 3.30 1.72
C ILE A 22 7.74 4.20 2.73
N GLN A 23 7.75 3.77 3.98
CA GLN A 23 8.36 4.54 5.05
C GLN A 23 9.85 4.75 4.80
N GLN A 24 10.41 3.92 3.95
CA GLN A 24 11.79 4.04 3.55
C GLN A 24 11.89 4.61 2.14
N ASN A 25 10.95 4.21 1.28
CA ASN A 25 10.94 4.59 -0.12
C ASN A 25 9.55 5.13 -0.53
N PRO A 26 9.31 6.44 -0.35
CA PRO A 26 8.03 7.05 -0.72
C PRO A 26 7.87 7.17 -2.25
N SER A 27 9.00 7.17 -2.94
CA SER A 27 9.02 7.27 -4.39
C SER A 27 8.70 5.93 -5.05
N LEU A 28 8.57 4.90 -4.24
CA LEU A 28 8.29 3.56 -4.73
C LEU A 28 6.80 3.30 -4.83
N LEU A 29 6.01 4.35 -4.61
CA LEU A 29 4.55 4.27 -4.69
C LEU A 29 4.09 3.62 -6.03
N PRO A 30 4.55 4.13 -7.19
CA PRO A 30 4.15 3.58 -8.49
C PRO A 30 4.67 2.17 -8.70
N ALA A 31 5.74 1.84 -8.00
CA ALA A 31 6.36 0.52 -8.10
C ALA A 31 5.57 -0.50 -7.30
N LEU A 32 5.18 -0.14 -6.07
CA LEU A 32 4.42 -1.04 -5.21
C LEU A 32 3.03 -1.27 -5.78
N LEU A 33 2.49 -0.27 -6.46
CA LEU A 33 1.19 -0.39 -7.10
C LEU A 33 1.19 -1.55 -8.09
N GLN A 34 2.32 -1.71 -8.77
CA GLN A 34 2.49 -2.80 -9.73
C GLN A 34 2.46 -4.14 -9.00
N GLN A 35 2.87 -4.13 -7.73
CA GLN A 35 2.90 -5.33 -6.93
C GLN A 35 1.48 -5.68 -6.50
N ILE A 36 0.64 -4.68 -6.39
CA ILE A 36 -0.76 -4.90 -6.11
C ILE A 36 -1.45 -5.43 -7.35
N GLY A 37 -1.22 -4.76 -8.49
CA GLY A 37 -1.82 -5.16 -9.74
C GLY A 37 -1.45 -6.57 -10.17
N ARG A 38 -0.24 -7.00 -9.83
CA ARG A 38 0.22 -8.34 -10.20
C ARG A 38 -0.67 -9.43 -9.58
N GLU A 39 -1.17 -9.16 -8.38
CA GLU A 39 -2.02 -10.12 -7.69
C GLU A 39 -3.47 -9.73 -7.79
N ASN A 40 -3.72 -8.45 -7.69
CA ASN A 40 -5.05 -7.94 -7.65
C ASN A 40 -5.26 -6.83 -8.66
N PRO A 41 -5.52 -7.17 -9.93
CA PRO A 41 -5.74 -6.18 -10.98
C PRO A 41 -7.04 -5.42 -10.74
N GLN A 42 -7.99 -6.07 -10.07
CA GLN A 42 -9.28 -5.45 -9.78
C GLN A 42 -9.15 -4.45 -8.64
N LEU A 43 -8.48 -4.86 -7.57
CA LEU A 43 -8.27 -3.98 -6.41
C LEU A 43 -7.39 -2.80 -6.81
N LEU A 44 -6.40 -3.09 -7.67
CA LEU A 44 -5.50 -2.06 -8.18
C LEU A 44 -6.27 -0.89 -8.80
N GLN A 45 -7.27 -1.23 -9.60
CA GLN A 45 -8.08 -0.22 -10.30
C GLN A 45 -8.78 0.71 -9.32
N GLN A 46 -9.15 0.16 -8.17
CA GLN A 46 -9.82 0.96 -7.16
C GLN A 46 -8.80 1.83 -6.43
N ILE A 47 -7.59 1.31 -6.32
CA ILE A 47 -6.51 2.01 -5.66
C ILE A 47 -6.03 3.19 -6.49
N SER A 48 -5.89 2.97 -7.79
CA SER A 48 -5.47 4.04 -8.69
C SER A 48 -6.50 5.17 -8.69
N GLN A 49 -7.71 4.83 -8.29
CA GLN A 49 -8.80 5.77 -8.20
C GLN A 49 -8.69 6.60 -6.92
N HIS A 50 -8.06 6.04 -5.92
CA HIS A 50 -7.97 6.67 -4.60
C HIS A 50 -6.53 6.78 -4.14
N GLN A 51 -5.63 7.06 -5.06
CA GLN A 51 -4.19 7.15 -4.76
C GLN A 51 -3.88 8.19 -3.69
N GLU A 52 -4.58 9.32 -3.75
CA GLU A 52 -4.37 10.42 -2.81
C GLU A 52 -4.48 9.93 -1.36
N HIS A 53 -5.54 9.19 -1.08
CA HIS A 53 -5.75 8.61 0.25
C HIS A 53 -4.74 7.49 0.50
N PHE A 54 -4.45 6.74 -0.56
CA PHE A 54 -3.56 5.58 -0.50
C PHE A 54 -2.17 5.98 0.00
N ILE A 55 -1.60 6.98 -0.64
CA ILE A 55 -0.25 7.44 -0.32
C ILE A 55 -0.15 7.94 1.11
N GLN A 56 -1.22 8.57 1.57
CA GLN A 56 -1.26 9.12 2.92
C GLN A 56 -1.13 8.00 3.96
N MET A 57 -1.96 6.99 3.84
CA MET A 57 -1.92 5.87 4.78
C MET A 57 -0.67 5.02 4.60
N LEU A 58 -0.13 5.01 3.39
CA LEU A 58 1.13 4.31 3.13
C LEU A 58 2.26 4.95 3.90
N ASN A 59 2.20 6.28 4.00
CA ASN A 59 3.25 7.05 4.62
C ASN A 59 3.16 7.04 6.14
N GLU A 60 2.02 6.61 6.67
CA GLU A 60 1.86 6.55 8.11
C GLU A 60 2.51 5.27 8.64
N PRO A 61 2.90 5.25 9.92
CA PRO A 61 3.59 4.11 10.53
C PRO A 61 2.81 2.81 10.44
N VAL A 62 3.52 1.71 10.31
CA VAL A 62 2.90 0.41 10.20
C VAL A 62 2.41 -0.07 11.56
N GLN A 63 1.25 -0.70 11.58
CA GLN A 63 0.58 -1.10 12.81
C GLN A 63 1.09 -2.46 13.34
N GLU A 64 2.40 -2.60 13.42
CA GLU A 64 3.06 -3.82 13.94
C GLU A 64 2.80 -5.05 13.07
N ALA A 65 2.07 -4.86 12.00
CA ALA A 65 1.76 -5.93 11.09
C ALA A 65 2.70 -5.89 9.91
N GLY A 66 3.45 -6.95 9.72
CA GLY A 66 4.42 -6.96 8.65
C GLY A 66 5.72 -6.33 9.06
N GLY A 67 6.39 -5.71 8.13
CA GLY A 67 7.66 -5.09 8.43
C GLY A 67 8.79 -6.09 8.36
N GLN A 68 9.92 -5.73 8.95
CA GLN A 68 11.11 -6.60 8.97
C GLN A 68 11.52 -7.00 7.56
N GLY A 69 12.19 -6.09 6.87
CA GLY A 69 12.61 -6.35 5.52
C GLY A 69 12.07 -5.34 4.54
N GLY A 70 12.59 -5.35 3.34
CA GLY A 70 12.16 -4.41 2.33
C GLY A 70 12.84 -3.06 2.49
N GLY A 71 12.62 -2.18 1.54
CA GLY A 71 13.21 -0.86 1.59
C GLY A 71 14.56 -0.81 0.91
N GLY A 72 15.45 -1.68 1.31
CA GLY A 72 16.76 -1.72 0.71
C GLY A 72 17.59 -2.85 1.27
#